data_1AG5
# 
_entry.id   1AG5 
# 
_audit_conform.dict_name       mmcif_pdbx.dic 
_audit_conform.dict_version    5.390 
_audit_conform.dict_location   http://mmcif.pdb.org/dictionaries/ascii/mmcif_pdbx.dic 
# 
loop_
_database_2.database_id 
_database_2.database_code 
_database_2.pdbx_database_accession 
_database_2.pdbx_DOI 
PDB   1AG5         pdb_00001ag5 10.2210/pdb1ag5/pdb 
WWPDB D_1000170774 ?            ?                   
# 
loop_
_pdbx_audit_revision_history.ordinal 
_pdbx_audit_revision_history.data_content_type 
_pdbx_audit_revision_history.major_revision 
_pdbx_audit_revision_history.minor_revision 
_pdbx_audit_revision_history.revision_date 
1 'Structure model' 1 0 1997-09-17 
2 'Structure model' 1 1 2008-03-24 
3 'Structure model' 1 2 2011-07-13 
4 'Structure model' 2 0 2019-01-30 
5 'Structure model' 2 1 2024-04-10 
# 
_pdbx_audit_revision_details.ordinal             1 
_pdbx_audit_revision_details.revision_ordinal    1 
_pdbx_audit_revision_details.data_content_type   'Structure model' 
_pdbx_audit_revision_details.provider            repository 
_pdbx_audit_revision_details.type                'Initial release' 
_pdbx_audit_revision_details.description         ? 
_pdbx_audit_revision_details.details             ? 
# 
loop_
_pdbx_audit_revision_group.ordinal 
_pdbx_audit_revision_group.revision_ordinal 
_pdbx_audit_revision_group.data_content_type 
_pdbx_audit_revision_group.group 
1  2 'Structure model' 'Version format compliance' 
2  3 'Structure model' 'Version format compliance' 
3  4 'Structure model' 'Atomic model'              
4  4 'Structure model' 'Data collection'           
5  4 'Structure model' 'Database references'       
6  4 'Structure model' 'Derived calculations'      
7  4 'Structure model' 'Non-polymer description'   
8  4 'Structure model' Other                       
9  4 'Structure model' 'Polymer sequence'          
10 4 'Structure model' 'Source and taxonomy'       
11 4 'Structure model' 'Structure summary'         
12 5 'Structure model' 'Data collection'           
13 5 'Structure model' 'Database references'       
14 5 'Structure model' 'Derived calculations'      
# 
loop_
_pdbx_audit_revision_category.ordinal 
_pdbx_audit_revision_category.revision_ordinal 
_pdbx_audit_revision_category.data_content_type 
_pdbx_audit_revision_category.category 
1  4 'Structure model' atom_site                    
2  4 'Structure model' chem_comp                    
3  4 'Structure model' entity                       
4  4 'Structure model' entity_poly                  
5  4 'Structure model' entity_poly_seq              
6  4 'Structure model' ndb_struct_conf_na           
7  4 'Structure model' ndb_struct_na_base_pair      
8  4 'Structure model' ndb_struct_na_base_pair_step 
9  4 'Structure model' pdbx_database_status         
10 4 'Structure model' pdbx_entity_nonpoly          
11 4 'Structure model' pdbx_entity_src_syn          
12 4 'Structure model' pdbx_nonpoly_scheme          
13 4 'Structure model' pdbx_poly_seq_scheme         
14 4 'Structure model' pdbx_struct_assembly         
15 4 'Structure model' pdbx_struct_mod_residue      
16 4 'Structure model' pdbx_struct_oper_list        
17 4 'Structure model' pdbx_validate_rmsd_angle     
18 4 'Structure model' struct_asym                  
19 4 'Structure model' struct_conn                  
20 4 'Structure model' struct_ref                   
21 5 'Structure model' chem_comp_atom               
22 5 'Structure model' chem_comp_bond               
23 5 'Structure model' database_2                   
24 5 'Structure model' pdbx_nmr_software            
25 5 'Structure model' struct_conn                  
# 
loop_
_pdbx_audit_revision_item.ordinal 
_pdbx_audit_revision_item.revision_ordinal 
_pdbx_audit_revision_item.data_content_type 
_pdbx_audit_revision_item.item 
1  4 'Structure model' '_atom_site.B_iso_or_equiv'                       
2  4 'Structure model' '_atom_site.Cartn_x'                              
3  4 'Structure model' '_atom_site.Cartn_y'                              
4  4 'Structure model' '_atom_site.Cartn_z'                              
5  4 'Structure model' '_atom_site.auth_asym_id'                         
6  4 'Structure model' '_atom_site.auth_atom_id'                         
7  4 'Structure model' '_atom_site.auth_comp_id'                         
8  4 'Structure model' '_atom_site.auth_seq_id'                          
9  4 'Structure model' '_atom_site.group_PDB'                            
10 4 'Structure model' '_atom_site.label_asym_id'                        
11 4 'Structure model' '_atom_site.label_atom_id'                        
12 4 'Structure model' '_atom_site.label_comp_id'                        
13 4 'Structure model' '_atom_site.label_entity_id'                      
14 4 'Structure model' '_atom_site.label_seq_id'                         
15 4 'Structure model' '_atom_site.type_symbol'                          
16 4 'Structure model' '_chem_comp.formula'                              
17 4 'Structure model' '_chem_comp.formula_weight'                       
18 4 'Structure model' '_chem_comp.id'                                   
19 4 'Structure model' '_chem_comp.mon_nstd_flag'                        
20 4 'Structure model' '_chem_comp.name'                                 
21 4 'Structure model' '_chem_comp.type'                                 
22 4 'Structure model' '_entity_poly.nstd_monomer'                       
23 4 'Structure model' '_entity_poly.pdbx_seq_one_letter_code'           
24 4 'Structure model' '_entity_poly.pdbx_seq_one_letter_code_can'       
25 4 'Structure model' '_entity_poly_seq.mon_id'                         
26 4 'Structure model' '_ndb_struct_na_base_pair.buckle'                 
27 4 'Structure model' '_ndb_struct_na_base_pair.i_label_comp_id'        
28 4 'Structure model' '_ndb_struct_na_base_pair.pair_name'              
29 4 'Structure model' '_ndb_struct_na_base_pair_step.helical_twist'     
30 4 'Structure model' '_ndb_struct_na_base_pair_step.i_label_comp_id_1' 
31 4 'Structure model' '_ndb_struct_na_base_pair_step.roll'              
32 4 'Structure model' '_ndb_struct_na_base_pair_step.step_name'         
33 4 'Structure model' '_ndb_struct_na_base_pair_step.tilt'              
34 4 'Structure model' '_pdbx_database_status.process_site'              
35 4 'Structure model' '_pdbx_poly_seq_scheme.mon_id'                    
36 4 'Structure model' '_pdbx_poly_seq_scheme.pdb_mon_id'                
37 4 'Structure model' '_struct_ref.pdbx_align_begin'                    
38 5 'Structure model' '_database_2.pdbx_DOI'                            
39 5 'Structure model' '_database_2.pdbx_database_accession'             
40 5 'Structure model' '_pdbx_nmr_software.name'                         
41 5 'Structure model' '_struct_conn.pdbx_leaving_atom_flag'             
# 
_pdbx_database_status.status_code                     REL 
_pdbx_database_status.entry_id                        1AG5 
_pdbx_database_status.recvd_initial_deposition_date   1997-04-01 
_pdbx_database_status.deposit_site                    ? 
_pdbx_database_status.process_site                    BNL 
_pdbx_database_status.SG_entry                        . 
_pdbx_database_status.pdb_format_compatible           Y 
_pdbx_database_status.status_code_mr                  ? 
_pdbx_database_status.status_code_sf                  ? 
_pdbx_database_status.status_code_cs                  ? 
_pdbx_database_status.methods_development_category    ? 
_pdbx_database_status.status_code_nmr_data            ? 
# 
loop_
_audit_author.name 
_audit_author.pdbx_ordinal 
'Johnson, D.S.' 1 
'Stone, M.P.'   2 
# 
_citation.id                        primary 
_citation.title                     
;Refined solution structure of 8,9-dihydro-8-(N7-guanyl)-9-hydroxyaflatoxin B1 opposite CpA in the complementary strand of an oligodeoxynucleotide duplex as determined by 1H NMR.
;
_citation.journal_abbrev            Biochemistry 
_citation.journal_volume            34 
_citation.page_first                14037 
_citation.page_last                 14050 
_citation.year                      1995 
_citation.journal_id_ASTM           BICHAW 
_citation.country                   US 
_citation.journal_id_ISSN           0006-2960 
_citation.journal_id_CSD            0033 
_citation.book_publisher            ? 
_citation.pdbx_database_id_PubMed   7578001 
_citation.pdbx_database_id_DOI      10.1021/bi00043a009 
# 
loop_
_citation_author.citation_id 
_citation_author.name 
_citation_author.ordinal 
_citation_author.identifier_ORCID 
primary 'Johnston, D.S.' 1 ? 
primary 'Stone, M.P.'    2 ? 
# 
loop_
_entity.id 
_entity.type 
_entity.src_method 
_entity.pdbx_description 
_entity.formula_weight 
_entity.pdbx_number_of_molecules 
_entity.pdbx_ec 
_entity.pdbx_mutation 
_entity.pdbx_fragment 
_entity.details 
1 polymer     syn 
;DNA (5'-D(*CP*CP*AP*TP*CP*GP*AP*TP*CP*C)-3')
;
2964.957 1 ? ? ? '8,9-DIHYDRO-8-(N7-GUANYL)-9-HYDROXYAFLATOXIN B1 OPPOSITE CPA IN THE COMPLEMENTARY STRAND' 
2 polymer     syn 
;DNA (5'-D(*GP*GP*AP*TP*CP*AP*GP*AP*TP*GP*G)-3')
;
3438.259 1 ? ? ? '8,9-DIHYDRO-8-(N7-GUANYL)-9-HYDROXYAFLATOXIN B1 OPPOSITE CPA IN THE COMPLEMENTARY STRAND' 
3 non-polymer syn '8,9-DIHYDRO-9-HYDROXY-AFLATOXIN B1'              330.289  1 ? ? ? ? 
# 
loop_
_entity_poly.entity_id 
_entity_poly.type 
_entity_poly.nstd_linkage 
_entity_poly.nstd_monomer 
_entity_poly.pdbx_seq_one_letter_code 
_entity_poly.pdbx_seq_one_letter_code_can 
_entity_poly.pdbx_strand_id 
_entity_poly.pdbx_target_identifier 
1 polydeoxyribonucleotide no no '(DC)(DC)(DA)(DT)(DC)(DG)(DA)(DT)(DC)(DC)'     CCATCGATCC  A ? 
2 polydeoxyribonucleotide no no '(DG)(DG)(DA)(DT)(DC)(DA)(DG)(DA)(DT)(DG)(DG)' GGATCAGATGG B ? 
# 
_pdbx_entity_nonpoly.entity_id   3 
_pdbx_entity_nonpoly.name        '8,9-DIHYDRO-9-HYDROXY-AFLATOXIN B1' 
_pdbx_entity_nonpoly.comp_id     AFN 
# 
loop_
_entity_poly_seq.entity_id 
_entity_poly_seq.num 
_entity_poly_seq.mon_id 
_entity_poly_seq.hetero 
1 1  DC n 
1 2  DC n 
1 3  DA n 
1 4  DT n 
1 5  DC n 
1 6  DG n 
1 7  DA n 
1 8  DT n 
1 9  DC n 
1 10 DC n 
2 1  DG n 
2 2  DG n 
2 3  DA n 
2 4  DT n 
2 5  DC n 
2 6  DA n 
2 7  DG n 
2 8  DA n 
2 9  DT n 
2 10 DG n 
2 11 DG n 
# 
loop_
_pdbx_entity_src_syn.entity_id 
_pdbx_entity_src_syn.pdbx_src_id 
_pdbx_entity_src_syn.pdbx_alt_source_flag 
_pdbx_entity_src_syn.pdbx_beg_seq_num 
_pdbx_entity_src_syn.pdbx_end_seq_num 
_pdbx_entity_src_syn.organism_scientific 
_pdbx_entity_src_syn.organism_common_name 
_pdbx_entity_src_syn.ncbi_taxonomy_id 
_pdbx_entity_src_syn.details 
1 1 sample 1 10 'synthetic construct' ? 32630 ? 
2 1 sample 1 11 'synthetic construct' ? 32630 ? 
# 
loop_
_chem_comp.id 
_chem_comp.type 
_chem_comp.mon_nstd_flag 
_chem_comp.name 
_chem_comp.pdbx_synonyms 
_chem_comp.formula 
_chem_comp.formula_weight 
AFN non-polymer   . '8,9-DIHYDRO-9-HYDROXY-AFLATOXIN B1' ? 'C17 H14 O7'      330.289 
DA  'DNA linking' y "2'-DEOXYADENOSINE-5'-MONOPHOSPHATE" ? 'C10 H14 N5 O6 P' 331.222 
DC  'DNA linking' y "2'-DEOXYCYTIDINE-5'-MONOPHOSPHATE"  ? 'C9 H14 N3 O7 P'  307.197 
DG  'DNA linking' y "2'-DEOXYGUANOSINE-5'-MONOPHOSPHATE" ? 'C10 H14 N5 O7 P' 347.221 
DT  'DNA linking' y "THYMIDINE-5'-MONOPHOSPHATE"         ? 'C10 H15 N2 O8 P' 322.208 
# 
loop_
_pdbx_poly_seq_scheme.asym_id 
_pdbx_poly_seq_scheme.entity_id 
_pdbx_poly_seq_scheme.seq_id 
_pdbx_poly_seq_scheme.mon_id 
_pdbx_poly_seq_scheme.ndb_seq_num 
_pdbx_poly_seq_scheme.pdb_seq_num 
_pdbx_poly_seq_scheme.auth_seq_num 
_pdbx_poly_seq_scheme.pdb_mon_id 
_pdbx_poly_seq_scheme.auth_mon_id 
_pdbx_poly_seq_scheme.pdb_strand_id 
_pdbx_poly_seq_scheme.pdb_ins_code 
_pdbx_poly_seq_scheme.hetero 
A 1 1  DC 1  1  1  DC C A . n 
A 1 2  DC 2  2  2  DC C A . n 
A 1 3  DA 3  3  3  DA A A . n 
A 1 4  DT 4  4  4  DT T A . n 
A 1 5  DC 5  5  5  DC C A . n 
A 1 6  DG 6  6  6  DG X A . n 
A 1 7  DA 7  7  7  DA A A . n 
A 1 8  DT 8  8  8  DT T A . n 
A 1 9  DC 9  9  9  DC C A . n 
A 1 10 DC 10 10 10 DC C A . n 
B 2 1  DG 1  11 11 DG G B . n 
B 2 2  DG 2  12 12 DG G B . n 
B 2 3  DA 3  13 13 DA A B . n 
B 2 4  DT 4  14 14 DT T B . n 
B 2 5  DC 5  15 15 DC C B . n 
B 2 6  DA 6  16 16 DA A B . n 
B 2 7  DG 7  17 17 DG G B . n 
B 2 8  DA 8  18 18 DA A B . n 
B 2 9  DT 9  19 19 DT T B . n 
B 2 10 DG 10 20 20 DG G B . n 
B 2 11 DG 11 21 21 DG G B . n 
# 
_pdbx_nonpoly_scheme.asym_id         C 
_pdbx_nonpoly_scheme.entity_id       3 
_pdbx_nonpoly_scheme.mon_id          AFN 
_pdbx_nonpoly_scheme.ndb_seq_num     1 
_pdbx_nonpoly_scheme.pdb_seq_num     11 
_pdbx_nonpoly_scheme.auth_seq_num    6 
_pdbx_nonpoly_scheme.pdb_mon_id      AFN 
_pdbx_nonpoly_scheme.auth_mon_id     X 
_pdbx_nonpoly_scheme.pdb_strand_id   A 
_pdbx_nonpoly_scheme.pdb_ins_code    . 
# 
loop_
_software.name 
_software.classification 
_software.version 
_software.citation_id 
_software.pdbx_ordinal 
X-PLOR 'model building' 3.1 ? 1 
X-PLOR refinement       3.1 ? 2 
X-PLOR phasing          3.1 ? 3 
# 
_cell.entry_id           1AG5 
_cell.length_a           1.000 
_cell.length_b           1.000 
_cell.length_c           1.000 
_cell.angle_alpha        90.00 
_cell.angle_beta         90.00 
_cell.angle_gamma        90.00 
_cell.Z_PDB              1 
_cell.pdbx_unique_axis   ? 
# 
_symmetry.entry_id                         1AG5 
_symmetry.space_group_name_H-M             'P 1' 
_symmetry.pdbx_full_space_group_name_H-M   ? 
_symmetry.cell_setting                     ? 
_symmetry.Int_Tables_number                1 
# 
_exptl.entry_id          1AG5 
_exptl.method            'SOLUTION NMR' 
_exptl.crystals_number   ? 
# 
_struct.entry_id                  1AG5 
_struct.title                     
;THE SOLUTION STRUCTURE OF AN AFLATOXIN B1 EPOXIDE ADDUCT AT THE N7 POSITION OF GUANINE OPPOSITE AN ADENINE IN THE COMPLEMENTARY STRAND OF AN OLIGODEOXYNUCLEOTIDE DUPLEX, NMR, MINIMIZED AVERAGE STRUCTURE
;
_struct.pdbx_model_details        ? 
_struct.pdbx_CASP_flag            ? 
_struct.pdbx_model_type_details   ? 
# 
_struct_keywords.entry_id        1AG5 
_struct_keywords.pdbx_keywords   DNA 
_struct_keywords.text            'AFLATOXIN B1, N7-GUANINE ADDUCT, INTERCALATION, DNA DUPLEX, DEOXYRIBONUCLEIC ACID, DNA' 
# 
loop_
_struct_asym.id 
_struct_asym.pdbx_blank_PDB_chainid_flag 
_struct_asym.pdbx_modified 
_struct_asym.entity_id 
_struct_asym.details 
A N N 1 ? 
B N N 2 ? 
C N N 3 ? 
# 
loop_
_struct_ref.id 
_struct_ref.db_name 
_struct_ref.db_code 
_struct_ref.pdbx_db_accession 
_struct_ref.pdbx_db_isoform 
_struct_ref.entity_id 
_struct_ref.pdbx_seq_one_letter_code 
_struct_ref.pdbx_align_begin 
1 PDB 1AG5 1AG5 ? 1 ? 1 
2 PDB 1AG5 1AG5 ? 2 ? 1 
# 
loop_
_struct_ref_seq.align_id 
_struct_ref_seq.ref_id 
_struct_ref_seq.pdbx_PDB_id_code 
_struct_ref_seq.pdbx_strand_id 
_struct_ref_seq.seq_align_beg 
_struct_ref_seq.pdbx_seq_align_beg_ins_code 
_struct_ref_seq.seq_align_end 
_struct_ref_seq.pdbx_seq_align_end_ins_code 
_struct_ref_seq.pdbx_db_accession 
_struct_ref_seq.db_align_beg 
_struct_ref_seq.pdbx_db_align_beg_ins_code 
_struct_ref_seq.db_align_end 
_struct_ref_seq.pdbx_db_align_end_ins_code 
_struct_ref_seq.pdbx_auth_seq_align_beg 
_struct_ref_seq.pdbx_auth_seq_align_end 
1 1 1AG5 A 1 ? 10 ? 1AG5 1  ? 10 ? 1  10 
2 2 1AG5 B 1 ? 11 ? 1AG5 11 ? 21 ? 11 21 
# 
_pdbx_struct_assembly.id                   1 
_pdbx_struct_assembly.details              author_defined_assembly 
_pdbx_struct_assembly.method_details       ? 
_pdbx_struct_assembly.oligomeric_details   dimeric 
_pdbx_struct_assembly.oligomeric_count     2 
# 
_pdbx_struct_assembly_gen.assembly_id       1 
_pdbx_struct_assembly_gen.oper_expression   1 
_pdbx_struct_assembly_gen.asym_id_list      A,B,C 
# 
_pdbx_struct_oper_list.id                   1 
_pdbx_struct_oper_list.type                 'identity operation' 
_pdbx_struct_oper_list.name                 1_555 
_pdbx_struct_oper_list.symmetry_operation   ? 
_pdbx_struct_oper_list.matrix[1][1]         1.0000000000 
_pdbx_struct_oper_list.matrix[1][2]         0.0000000000 
_pdbx_struct_oper_list.matrix[1][3]         0.0000000000 
_pdbx_struct_oper_list.vector[1]            0.0000000000 
_pdbx_struct_oper_list.matrix[2][1]         0.0000000000 
_pdbx_struct_oper_list.matrix[2][2]         1.0000000000 
_pdbx_struct_oper_list.matrix[2][3]         0.0000000000 
_pdbx_struct_oper_list.vector[2]            0.0000000000 
_pdbx_struct_oper_list.matrix[3][1]         0.0000000000 
_pdbx_struct_oper_list.matrix[3][2]         0.0000000000 
_pdbx_struct_oper_list.matrix[3][3]         1.0000000000 
_pdbx_struct_oper_list.vector[3]            0.0000000000 
# 
loop_
_struct_conn.id 
_struct_conn.conn_type_id 
_struct_conn.pdbx_leaving_atom_flag 
_struct_conn.pdbx_PDB_id 
_struct_conn.ptnr1_label_asym_id 
_struct_conn.ptnr1_label_comp_id 
_struct_conn.ptnr1_label_seq_id 
_struct_conn.ptnr1_label_atom_id 
_struct_conn.pdbx_ptnr1_label_alt_id 
_struct_conn.pdbx_ptnr1_PDB_ins_code 
_struct_conn.pdbx_ptnr1_standard_comp_id 
_struct_conn.ptnr1_symmetry 
_struct_conn.ptnr2_label_asym_id 
_struct_conn.ptnr2_label_comp_id 
_struct_conn.ptnr2_label_seq_id 
_struct_conn.ptnr2_label_atom_id 
_struct_conn.pdbx_ptnr2_label_alt_id 
_struct_conn.pdbx_ptnr2_PDB_ins_code 
_struct_conn.ptnr1_auth_asym_id 
_struct_conn.ptnr1_auth_comp_id 
_struct_conn.ptnr1_auth_seq_id 
_struct_conn.ptnr2_auth_asym_id 
_struct_conn.ptnr2_auth_comp_id 
_struct_conn.ptnr2_auth_seq_id 
_struct_conn.ptnr2_symmetry 
_struct_conn.pdbx_ptnr3_label_atom_id 
_struct_conn.pdbx_ptnr3_label_seq_id 
_struct_conn.pdbx_ptnr3_label_comp_id 
_struct_conn.pdbx_ptnr3_label_asym_id 
_struct_conn.pdbx_ptnr3_label_alt_id 
_struct_conn.pdbx_ptnr3_PDB_ins_code 
_struct_conn.details 
_struct_conn.pdbx_dist_value 
_struct_conn.pdbx_value_order 
_struct_conn.pdbx_role 
covale1  covale none ? A DG 6  N7 ? ? ? 1_555 C AFN .  C8A ? ? A DG 6  A AFN 11 1_555 ? ? ? ? ? ? ?            1.486 sing ? 
hydrog1  hydrog ?    ? A DC 1  N3 ? ? ? 1_555 B DG  11 N1  ? ? A DC 1  B DG  21 1_555 ? ? ? ? ? ? WATSON-CRICK ?     ?    ? 
hydrog2  hydrog ?    ? A DC 1  N4 ? ? ? 1_555 B DG  11 O6  ? ? A DC 1  B DG  21 1_555 ? ? ? ? ? ? WATSON-CRICK ?     ?    ? 
hydrog3  hydrog ?    ? A DC 1  O2 ? ? ? 1_555 B DG  11 N2  ? ? A DC 1  B DG  21 1_555 ? ? ? ? ? ? WATSON-CRICK ?     ?    ? 
hydrog4  hydrog ?    ? A DC 2  N3 ? ? ? 1_555 B DG  10 N1  ? ? A DC 2  B DG  20 1_555 ? ? ? ? ? ? WATSON-CRICK ?     ?    ? 
hydrog5  hydrog ?    ? A DC 2  N4 ? ? ? 1_555 B DG  10 O6  ? ? A DC 2  B DG  20 1_555 ? ? ? ? ? ? WATSON-CRICK ?     ?    ? 
hydrog6  hydrog ?    ? A DC 2  O2 ? ? ? 1_555 B DG  10 N2  ? ? A DC 2  B DG  20 1_555 ? ? ? ? ? ? WATSON-CRICK ?     ?    ? 
hydrog7  hydrog ?    ? A DA 3  N1 ? ? ? 1_555 B DT  9  N3  ? ? A DA 3  B DT  19 1_555 ? ? ? ? ? ? WATSON-CRICK ?     ?    ? 
hydrog8  hydrog ?    ? A DA 3  N6 ? ? ? 1_555 B DT  9  O4  ? ? A DA 3  B DT  19 1_555 ? ? ? ? ? ? WATSON-CRICK ?     ?    ? 
hydrog9  hydrog ?    ? A DT 4  N3 ? ? ? 1_555 B DA  8  N1  ? ? A DT 4  B DA  18 1_555 ? ? ? ? ? ? WATSON-CRICK ?     ?    ? 
hydrog10 hydrog ?    ? A DT 4  O4 ? ? ? 1_555 B DA  8  N6  ? ? A DT 4  B DA  18 1_555 ? ? ? ? ? ? WATSON-CRICK ?     ?    ? 
hydrog11 hydrog ?    ? A DC 5  N3 ? ? ? 1_555 B DG  7  N1  ? ? A DC 5  B DG  17 1_555 ? ? ? ? ? ? WATSON-CRICK ?     ?    ? 
hydrog12 hydrog ?    ? A DC 5  N4 ? ? ? 1_555 B DG  7  O6  ? ? A DC 5  B DG  17 1_555 ? ? ? ? ? ? WATSON-CRICK ?     ?    ? 
hydrog13 hydrog ?    ? A DC 5  O2 ? ? ? 1_555 B DG  7  N2  ? ? A DC 5  B DG  17 1_555 ? ? ? ? ? ? WATSON-CRICK ?     ?    ? 
hydrog14 hydrog ?    ? A DG 6  N1 ? ? ? 1_555 B DC  5  N3  ? ? A DG 6  B DC  15 1_555 ? ? ? ? ? ? WATSON-CRICK ?     ?    ? 
hydrog15 hydrog ?    ? A DG 6  N2 ? ? ? 1_555 B DC  5  O2  ? ? A DG 6  B DC  15 1_555 ? ? ? ? ? ? WATSON-CRICK ?     ?    ? 
hydrog16 hydrog ?    ? A DG 6  O6 ? ? ? 1_555 B DC  5  N4  ? ? A DG 6  B DC  15 1_555 ? ? ? ? ? ? WATSON-CRICK ?     ?    ? 
hydrog17 hydrog ?    ? A DA 7  N1 ? ? ? 1_555 B DT  4  N3  ? ? A DA 7  B DT  14 1_555 ? ? ? ? ? ? WATSON-CRICK ?     ?    ? 
hydrog18 hydrog ?    ? A DA 7  N6 ? ? ? 1_555 B DT  4  O4  ? ? A DA 7  B DT  14 1_555 ? ? ? ? ? ? WATSON-CRICK ?     ?    ? 
hydrog19 hydrog ?    ? A DT 8  N3 ? ? ? 1_555 B DA  3  N1  ? ? A DT 8  B DA  13 1_555 ? ? ? ? ? ? WATSON-CRICK ?     ?    ? 
hydrog20 hydrog ?    ? A DT 8  O4 ? ? ? 1_555 B DA  3  N6  ? ? A DT 8  B DA  13 1_555 ? ? ? ? ? ? WATSON-CRICK ?     ?    ? 
hydrog21 hydrog ?    ? A DC 9  N3 ? ? ? 1_555 B DG  2  N1  ? ? A DC 9  B DG  12 1_555 ? ? ? ? ? ? WATSON-CRICK ?     ?    ? 
hydrog22 hydrog ?    ? A DC 9  N4 ? ? ? 1_555 B DG  2  O6  ? ? A DC 9  B DG  12 1_555 ? ? ? ? ? ? WATSON-CRICK ?     ?    ? 
hydrog23 hydrog ?    ? A DC 9  O2 ? ? ? 1_555 B DG  2  N2  ? ? A DC 9  B DG  12 1_555 ? ? ? ? ? ? WATSON-CRICK ?     ?    ? 
hydrog24 hydrog ?    ? A DC 10 N3 ? ? ? 1_555 B DG  1  N1  ? ? A DC 10 B DG  11 1_555 ? ? ? ? ? ? WATSON-CRICK ?     ?    ? 
hydrog25 hydrog ?    ? A DC 10 N4 ? ? ? 1_555 B DG  1  O6  ? ? A DC 10 B DG  11 1_555 ? ? ? ? ? ? WATSON-CRICK ?     ?    ? 
hydrog26 hydrog ?    ? A DC 10 O2 ? ? ? 1_555 B DG  1  N2  ? ? A DC 10 B DG  11 1_555 ? ? ? ? ? ? WATSON-CRICK ?     ?    ? 
# 
loop_
_struct_conn_type.id 
_struct_conn_type.criteria 
_struct_conn_type.reference 
covale ? ? 
hydrog ? ? 
# 
loop_
_pdbx_validate_rmsd_angle.id 
_pdbx_validate_rmsd_angle.PDB_model_num 
_pdbx_validate_rmsd_angle.auth_atom_id_1 
_pdbx_validate_rmsd_angle.auth_asym_id_1 
_pdbx_validate_rmsd_angle.auth_comp_id_1 
_pdbx_validate_rmsd_angle.auth_seq_id_1 
_pdbx_validate_rmsd_angle.PDB_ins_code_1 
_pdbx_validate_rmsd_angle.label_alt_id_1 
_pdbx_validate_rmsd_angle.auth_atom_id_2 
_pdbx_validate_rmsd_angle.auth_asym_id_2 
_pdbx_validate_rmsd_angle.auth_comp_id_2 
_pdbx_validate_rmsd_angle.auth_seq_id_2 
_pdbx_validate_rmsd_angle.PDB_ins_code_2 
_pdbx_validate_rmsd_angle.label_alt_id_2 
_pdbx_validate_rmsd_angle.auth_atom_id_3 
_pdbx_validate_rmsd_angle.auth_asym_id_3 
_pdbx_validate_rmsd_angle.auth_comp_id_3 
_pdbx_validate_rmsd_angle.auth_seq_id_3 
_pdbx_validate_rmsd_angle.PDB_ins_code_3 
_pdbx_validate_rmsd_angle.label_alt_id_3 
_pdbx_validate_rmsd_angle.angle_value 
_pdbx_validate_rmsd_angle.angle_target_value 
_pdbx_validate_rmsd_angle.angle_deviation 
_pdbx_validate_rmsd_angle.angle_standard_deviation 
_pdbx_validate_rmsd_angle.linker_flag 
1  1 "O4'" A DC 1  ? ? "C1'" A DC 1  ? ? N1 A DC 1  ? ? 110.67 108.30 2.37  0.30 N 
2  1 "O4'" A DC 2  ? ? "C1'" A DC 2  ? ? N1 A DC 2  ? ? 111.80 108.30 3.50  0.30 N 
3  1 N7    A DA 3  ? ? C8    A DA 3  ? ? N9 A DA 3  ? ? 117.57 113.80 3.77  0.50 N 
4  1 "O4'" A DT 4  ? ? "C1'" A DT 4  ? ? N1 A DT 4  ? ? 112.06 108.30 3.76  0.30 N 
5  1 "O4'" A DC 5  ? ? "C1'" A DC 5  ? ? N1 A DC 5  ? ? 111.15 108.30 2.85  0.30 N 
6  1 "O4'" A DG 6  ? ? "C1'" A DG 6  ? ? N9 A DG 6  ? ? 111.79 108.30 3.49  0.30 N 
7  1 N7    A DG 6  ? ? C8    A DG 6  ? ? N9 A DG 6  ? ? 117.41 113.10 4.31  0.50 N 
8  1 C8    A DG 6  ? ? N9    A DG 6  ? ? C4 A DG 6  ? ? 103.66 106.40 -2.74 0.40 N 
9  1 "O4'" A DA 7  ? ? "C1'" A DA 7  ? ? N9 A DA 7  ? ? 111.17 108.30 2.87  0.30 N 
10 1 N7    A DA 7  ? ? C8    A DA 7  ? ? N9 A DA 7  ? ? 117.51 113.80 3.71  0.50 N 
11 1 "O4'" A DT 8  ? ? "C1'" A DT 8  ? ? N1 A DT 8  ? ? 112.06 108.30 3.76  0.30 N 
12 1 "O4'" A DC 9  ? ? "C1'" A DC 9  ? ? N1 A DC 9  ? ? 111.44 108.30 3.14  0.30 N 
13 1 "O4'" A DC 10 ? ? "C1'" A DC 10 ? ? N1 A DC 10 ? ? 111.35 108.30 3.05  0.30 N 
14 1 "O4'" B DG 11 ? ? "C1'" B DG 11 ? ? N9 B DG 11 ? ? 110.41 108.30 2.11  0.30 N 
15 1 N7    B DG 11 ? ? C8    B DG 11 ? ? N9 B DG 11 ? ? 117.72 113.10 4.62  0.50 N 
16 1 C8    B DG 11 ? ? N9    B DG 11 ? ? C4 B DG 11 ? ? 103.53 106.40 -2.87 0.40 N 
17 1 "O4'" B DG 12 ? ? "C1'" B DG 12 ? ? N9 B DG 12 ? ? 111.37 108.30 3.07  0.30 N 
18 1 N7    B DG 12 ? ? C8    B DG 12 ? ? N9 B DG 12 ? ? 117.62 113.10 4.52  0.50 N 
19 1 C8    B DG 12 ? ? N9    B DG 12 ? ? C4 B DG 12 ? ? 103.68 106.40 -2.72 0.40 N 
20 1 "O4'" B DA 13 ? ? "C1'" B DA 13 ? ? N9 B DA 13 ? ? 111.57 108.30 3.27  0.30 N 
21 1 N7    B DA 13 ? ? C8    B DA 13 ? ? N9 B DA 13 ? ? 117.48 113.80 3.68  0.50 N 
22 1 "O4'" B DT 14 ? ? "C1'" B DT 14 ? ? N1 B DT 14 ? ? 112.56 108.30 4.26  0.30 N 
23 1 "O4'" B DC 15 ? ? "C1'" B DC 15 ? ? N1 B DC 15 ? ? 110.77 108.30 2.47  0.30 N 
24 1 "O4'" B DA 16 ? ? "C1'" B DA 16 ? ? N9 B DA 16 ? ? 110.96 108.30 2.66  0.30 N 
25 1 N7    B DA 16 ? ? C8    B DA 16 ? ? N9 B DA 16 ? ? 117.50 113.80 3.70  0.50 N 
26 1 "O4'" B DG 17 ? ? "C1'" B DG 17 ? ? N9 B DG 17 ? ? 110.90 108.30 2.60  0.30 N 
27 1 N7    B DG 17 ? ? C8    B DG 17 ? ? N9 B DG 17 ? ? 117.58 113.10 4.48  0.50 N 
28 1 C8    B DG 17 ? ? N9    B DG 17 ? ? C4 B DG 17 ? ? 103.73 106.40 -2.67 0.40 N 
29 1 "O4'" B DA 18 ? ? "C1'" B DA 18 ? ? N9 B DA 18 ? ? 111.23 108.30 2.93  0.30 N 
30 1 N7    B DA 18 ? ? C8    B DA 18 ? ? N9 B DA 18 ? ? 117.59 113.80 3.79  0.50 N 
31 1 "O4'" B DT 19 ? ? "C1'" B DT 19 ? ? N1 B DT 19 ? ? 111.66 108.30 3.36  0.30 N 
32 1 "O4'" B DG 20 ? ? "C1'" B DG 20 ? ? N9 B DG 20 ? ? 110.89 108.30 2.59  0.30 N 
33 1 N7    B DG 20 ? ? C8    B DG 20 ? ? N9 B DG 20 ? ? 117.66 113.10 4.56  0.50 N 
34 1 C8    B DG 20 ? ? N9    B DG 20 ? ? C4 B DG 20 ? ? 103.64 106.40 -2.76 0.40 N 
35 1 "O4'" B DG 21 ? ? "C1'" B DG 21 ? ? N9 B DG 21 ? ? 111.27 108.30 2.97  0.30 N 
36 1 N7    B DG 21 ? ? C8    B DG 21 ? ? N9 B DG 21 ? ? 117.69 113.10 4.59  0.50 N 
37 1 C8    B DG 21 ? ? N9    B DG 21 ? ? C4 B DG 21 ? ? 103.44 106.40 -2.96 0.40 N 
# 
_pdbx_nmr_ensemble.entry_id                             1AG5 
_pdbx_nmr_ensemble.conformers_calculated_total_number   1 
_pdbx_nmr_ensemble.conformers_submitted_total_number    1 
_pdbx_nmr_ensemble.conformer_selection_criteria         
'THIS STRUCTURE PROVIDED THE BEST-FIT FOR THE NOE DATA BASED ON THE RELAXATION MATRIX ANALYSIS USING CORMA' 
# 
_pdbx_nmr_exptl_sample_conditions.conditions_id       1 
_pdbx_nmr_exptl_sample_conditions.temperature         278 
_pdbx_nmr_exptl_sample_conditions.pressure            ? 
_pdbx_nmr_exptl_sample_conditions.pH                  6.9 
_pdbx_nmr_exptl_sample_conditions.ionic_strength      ? 
_pdbx_nmr_exptl_sample_conditions.pressure_units      . 
_pdbx_nmr_exptl_sample_conditions.temperature_units   K 
# 
loop_
_pdbx_nmr_exptl.experiment_id 
_pdbx_nmr_exptl.conditions_id 
_pdbx_nmr_exptl.type 
_pdbx_nmr_exptl.solution_id 
1 1 NOESY       1 
2 1 2QF-COSY    1 
3 1 'AND TOCSY' 1 
4 1 ': NOESY'   1 
5 1 2QF-COSY    1 
6 1 AND         1 
# 
_pdbx_nmr_refine.entry_id           1AG5 
_pdbx_nmr_refine.method             'NOE-RESTRAINED MOLECULAR DYNAMICS/SIMULATED ANNEALING' 
_pdbx_nmr_refine.details            'REFINEMENT DETAILS CAN BE FOUND IN THE JRNL CITATION ABOVE.' 
_pdbx_nmr_refine.software_ordinal   1 
# 
loop_
_pdbx_nmr_software.classification 
_pdbx_nmr_software.name 
_pdbx_nmr_software.version 
_pdbx_nmr_software.authors 
_pdbx_nmr_software.ordinal 
refinement           X-PLOR    3.1 BRUNGER 1 
'structure solution' Felix     ?   ?       2 
'structure solution' X-PLOR    ?   ?       3 
'structure solution' MARDIGRAS ?   ?       4 
'structure solution' CORMA     ?   ?       5 
# 
loop_
_chem_comp_atom.comp_id 
_chem_comp_atom.atom_id 
_chem_comp_atom.type_symbol 
_chem_comp_atom.pdbx_aromatic_flag 
_chem_comp_atom.pdbx_stereo_config 
_chem_comp_atom.pdbx_ordinal 
AFN C8A    C N N 1   
AFN C9     C N R 2   
AFN O9     O N N 3   
AFN C9A    C N R 4   
AFN C9B    C Y N 5   
AFN O7     O N N 6   
AFN C6A    C N R 7   
AFN O6A    O N N 8   
AFN C5A    C Y N 9   
AFN C5B    C Y N 10  
AFN C4B    C Y N 11  
AFN O4     O N N 12  
AFN CM     C N N 13  
AFN C4A    C Y N 14  
AFN C10    C Y N 15  
AFN O10    O Y N 16  
AFN C11    C Y N 17  
AFN O11    O N N 18  
AFN C12    C Y N 19  
AFN C3A    C Y N 20  
AFN C3     C N N 21  
AFN C2A    C N N 22  
AFN C1     C N N 23  
AFN O1     O N N 24  
AFN H8A2   H N N 25  
AFN H8A    H N N 26  
AFN H9     H N N 27  
AFN HO9    H N N 28  
AFN H9A    H N N 29  
AFN H6A    H N N 30  
AFN H5B    H N N 31  
AFN HM1    H N N 32  
AFN HM2    H N N 33  
AFN HM3    H N N 34  
AFN H31    H N N 35  
AFN H32    H N N 36  
AFN H2A1   H N N 37  
AFN H2A2   H N N 38  
DA  OP3    O N N 39  
DA  P      P N N 40  
DA  OP1    O N N 41  
DA  OP2    O N N 42  
DA  "O5'"  O N N 43  
DA  "C5'"  C N N 44  
DA  "C4'"  C N R 45  
DA  "O4'"  O N N 46  
DA  "C3'"  C N S 47  
DA  "O3'"  O N N 48  
DA  "C2'"  C N N 49  
DA  "C1'"  C N R 50  
DA  N9     N Y N 51  
DA  C8     C Y N 52  
DA  N7     N Y N 53  
DA  C5     C Y N 54  
DA  C6     C Y N 55  
DA  N6     N N N 56  
DA  N1     N Y N 57  
DA  C2     C Y N 58  
DA  N3     N Y N 59  
DA  C4     C Y N 60  
DA  HOP3   H N N 61  
DA  HOP2   H N N 62  
DA  "H5'"  H N N 63  
DA  "H5''" H N N 64  
DA  "H4'"  H N N 65  
DA  "H3'"  H N N 66  
DA  "HO3'" H N N 67  
DA  "H2'"  H N N 68  
DA  "H2''" H N N 69  
DA  "H1'"  H N N 70  
DA  H8     H N N 71  
DA  H61    H N N 72  
DA  H62    H N N 73  
DA  H2     H N N 74  
DC  OP3    O N N 75  
DC  P      P N N 76  
DC  OP1    O N N 77  
DC  OP2    O N N 78  
DC  "O5'"  O N N 79  
DC  "C5'"  C N N 80  
DC  "C4'"  C N R 81  
DC  "O4'"  O N N 82  
DC  "C3'"  C N S 83  
DC  "O3'"  O N N 84  
DC  "C2'"  C N N 85  
DC  "C1'"  C N R 86  
DC  N1     N N N 87  
DC  C2     C N N 88  
DC  O2     O N N 89  
DC  N3     N N N 90  
DC  C4     C N N 91  
DC  N4     N N N 92  
DC  C5     C N N 93  
DC  C6     C N N 94  
DC  HOP3   H N N 95  
DC  HOP2   H N N 96  
DC  "H5'"  H N N 97  
DC  "H5''" H N N 98  
DC  "H4'"  H N N 99  
DC  "H3'"  H N N 100 
DC  "HO3'" H N N 101 
DC  "H2'"  H N N 102 
DC  "H2''" H N N 103 
DC  "H1'"  H N N 104 
DC  H41    H N N 105 
DC  H42    H N N 106 
DC  H5     H N N 107 
DC  H6     H N N 108 
DG  OP3    O N N 109 
DG  P      P N N 110 
DG  OP1    O N N 111 
DG  OP2    O N N 112 
DG  "O5'"  O N N 113 
DG  "C5'"  C N N 114 
DG  "C4'"  C N R 115 
DG  "O4'"  O N N 116 
DG  "C3'"  C N S 117 
DG  "O3'"  O N N 118 
DG  "C2'"  C N N 119 
DG  "C1'"  C N R 120 
DG  N9     N Y N 121 
DG  C8     C Y N 122 
DG  N7     N Y N 123 
DG  C5     C Y N 124 
DG  C6     C N N 125 
DG  O6     O N N 126 
DG  N1     N N N 127 
DG  C2     C N N 128 
DG  N2     N N N 129 
DG  N3     N N N 130 
DG  C4     C Y N 131 
DG  HOP3   H N N 132 
DG  HOP2   H N N 133 
DG  "H5'"  H N N 134 
DG  "H5''" H N N 135 
DG  "H4'"  H N N 136 
DG  "H3'"  H N N 137 
DG  "HO3'" H N N 138 
DG  "H2'"  H N N 139 
DG  "H2''" H N N 140 
DG  "H1'"  H N N 141 
DG  H8     H N N 142 
DG  H1     H N N 143 
DG  H21    H N N 144 
DG  H22    H N N 145 
DT  OP3    O N N 146 
DT  P      P N N 147 
DT  OP1    O N N 148 
DT  OP2    O N N 149 
DT  "O5'"  O N N 150 
DT  "C5'"  C N N 151 
DT  "C4'"  C N R 152 
DT  "O4'"  O N N 153 
DT  "C3'"  C N S 154 
DT  "O3'"  O N N 155 
DT  "C2'"  C N N 156 
DT  "C1'"  C N R 157 
DT  N1     N N N 158 
DT  C2     C N N 159 
DT  O2     O N N 160 
DT  N3     N N N 161 
DT  C4     C N N 162 
DT  O4     O N N 163 
DT  C5     C N N 164 
DT  C7     C N N 165 
DT  C6     C N N 166 
DT  HOP3   H N N 167 
DT  HOP2   H N N 168 
DT  "H5'"  H N N 169 
DT  "H5''" H N N 170 
DT  "H4'"  H N N 171 
DT  "H3'"  H N N 172 
DT  "HO3'" H N N 173 
DT  "H2'"  H N N 174 
DT  "H2''" H N N 175 
DT  "H1'"  H N N 176 
DT  H3     H N N 177 
DT  H71    H N N 178 
DT  H72    H N N 179 
DT  H73    H N N 180 
DT  H6     H N N 181 
# 
loop_
_chem_comp_bond.comp_id 
_chem_comp_bond.atom_id_1 
_chem_comp_bond.atom_id_2 
_chem_comp_bond.value_order 
_chem_comp_bond.pdbx_aromatic_flag 
_chem_comp_bond.pdbx_stereo_config 
_chem_comp_bond.pdbx_ordinal 
AFN C8A   C9     sing N N 1   
AFN C8A   O7     sing N N 2   
AFN C8A   H8A2   sing N N 3   
AFN C8A   H8A    sing N N 4   
AFN C9    O9     sing N N 5   
AFN C9    C9A    sing N N 6   
AFN C9    H9     sing N N 7   
AFN O9    HO9    sing N N 8   
AFN C9A   C9B    sing N N 9   
AFN C9A   C6A    sing N N 10  
AFN C9A   H9A    sing N N 11  
AFN C9B   C5A    doub Y N 12  
AFN C9B   C10    sing Y N 13  
AFN O7    C6A    sing N N 14  
AFN C6A   O6A    sing N N 15  
AFN C6A   H6A    sing N N 16  
AFN O6A   C5A    sing N N 17  
AFN C5A   C5B    sing Y N 18  
AFN C5B   C4B    doub Y N 19  
AFN C5B   H5B    sing N N 20  
AFN C4B   O4     sing N N 21  
AFN C4B   C4A    sing Y N 22  
AFN O4    CM     sing N N 23  
AFN CM    HM1    sing N N 24  
AFN CM    HM2    sing N N 25  
AFN CM    HM3    sing N N 26  
AFN C4A   C10    doub Y N 27  
AFN C4A   C3A    sing Y N 28  
AFN C10   O10    sing Y N 29  
AFN O10   C11    sing Y N 30  
AFN C11   O11    doub N N 31  
AFN C11   C12    sing Y N 32  
AFN C12   C3A    doub Y N 33  
AFN C12   C1     sing N N 34  
AFN C3A   C3     sing N N 35  
AFN C3    C2A    sing N N 36  
AFN C3    H31    sing N N 37  
AFN C3    H32    sing N N 38  
AFN C2A   C1     sing N N 39  
AFN C2A   H2A1   sing N N 40  
AFN C2A   H2A2   sing N N 41  
AFN C1    O1     doub N N 42  
DA  OP3   P      sing N N 43  
DA  OP3   HOP3   sing N N 44  
DA  P     OP1    doub N N 45  
DA  P     OP2    sing N N 46  
DA  P     "O5'"  sing N N 47  
DA  OP2   HOP2   sing N N 48  
DA  "O5'" "C5'"  sing N N 49  
DA  "C5'" "C4'"  sing N N 50  
DA  "C5'" "H5'"  sing N N 51  
DA  "C5'" "H5''" sing N N 52  
DA  "C4'" "O4'"  sing N N 53  
DA  "C4'" "C3'"  sing N N 54  
DA  "C4'" "H4'"  sing N N 55  
DA  "O4'" "C1'"  sing N N 56  
DA  "C3'" "O3'"  sing N N 57  
DA  "C3'" "C2'"  sing N N 58  
DA  "C3'" "H3'"  sing N N 59  
DA  "O3'" "HO3'" sing N N 60  
DA  "C2'" "C1'"  sing N N 61  
DA  "C2'" "H2'"  sing N N 62  
DA  "C2'" "H2''" sing N N 63  
DA  "C1'" N9     sing N N 64  
DA  "C1'" "H1'"  sing N N 65  
DA  N9    C8     sing Y N 66  
DA  N9    C4     sing Y N 67  
DA  C8    N7     doub Y N 68  
DA  C8    H8     sing N N 69  
DA  N7    C5     sing Y N 70  
DA  C5    C6     sing Y N 71  
DA  C5    C4     doub Y N 72  
DA  C6    N6     sing N N 73  
DA  C6    N1     doub Y N 74  
DA  N6    H61    sing N N 75  
DA  N6    H62    sing N N 76  
DA  N1    C2     sing Y N 77  
DA  C2    N3     doub Y N 78  
DA  C2    H2     sing N N 79  
DA  N3    C4     sing Y N 80  
DC  OP3   P      sing N N 81  
DC  OP3   HOP3   sing N N 82  
DC  P     OP1    doub N N 83  
DC  P     OP2    sing N N 84  
DC  P     "O5'"  sing N N 85  
DC  OP2   HOP2   sing N N 86  
DC  "O5'" "C5'"  sing N N 87  
DC  "C5'" "C4'"  sing N N 88  
DC  "C5'" "H5'"  sing N N 89  
DC  "C5'" "H5''" sing N N 90  
DC  "C4'" "O4'"  sing N N 91  
DC  "C4'" "C3'"  sing N N 92  
DC  "C4'" "H4'"  sing N N 93  
DC  "O4'" "C1'"  sing N N 94  
DC  "C3'" "O3'"  sing N N 95  
DC  "C3'" "C2'"  sing N N 96  
DC  "C3'" "H3'"  sing N N 97  
DC  "O3'" "HO3'" sing N N 98  
DC  "C2'" "C1'"  sing N N 99  
DC  "C2'" "H2'"  sing N N 100 
DC  "C2'" "H2''" sing N N 101 
DC  "C1'" N1     sing N N 102 
DC  "C1'" "H1'"  sing N N 103 
DC  N1    C2     sing N N 104 
DC  N1    C6     sing N N 105 
DC  C2    O2     doub N N 106 
DC  C2    N3     sing N N 107 
DC  N3    C4     doub N N 108 
DC  C4    N4     sing N N 109 
DC  C4    C5     sing N N 110 
DC  N4    H41    sing N N 111 
DC  N4    H42    sing N N 112 
DC  C5    C6     doub N N 113 
DC  C5    H5     sing N N 114 
DC  C6    H6     sing N N 115 
DG  OP3   P      sing N N 116 
DG  OP3   HOP3   sing N N 117 
DG  P     OP1    doub N N 118 
DG  P     OP2    sing N N 119 
DG  P     "O5'"  sing N N 120 
DG  OP2   HOP2   sing N N 121 
DG  "O5'" "C5'"  sing N N 122 
DG  "C5'" "C4'"  sing N N 123 
DG  "C5'" "H5'"  sing N N 124 
DG  "C5'" "H5''" sing N N 125 
DG  "C4'" "O4'"  sing N N 126 
DG  "C4'" "C3'"  sing N N 127 
DG  "C4'" "H4'"  sing N N 128 
DG  "O4'" "C1'"  sing N N 129 
DG  "C3'" "O3'"  sing N N 130 
DG  "C3'" "C2'"  sing N N 131 
DG  "C3'" "H3'"  sing N N 132 
DG  "O3'" "HO3'" sing N N 133 
DG  "C2'" "C1'"  sing N N 134 
DG  "C2'" "H2'"  sing N N 135 
DG  "C2'" "H2''" sing N N 136 
DG  "C1'" N9     sing N N 137 
DG  "C1'" "H1'"  sing N N 138 
DG  N9    C8     sing Y N 139 
DG  N9    C4     sing Y N 140 
DG  C8    N7     doub Y N 141 
DG  C8    H8     sing N N 142 
DG  N7    C5     sing Y N 143 
DG  C5    C6     sing N N 144 
DG  C5    C4     doub Y N 145 
DG  C6    O6     doub N N 146 
DG  C6    N1     sing N N 147 
DG  N1    C2     sing N N 148 
DG  N1    H1     sing N N 149 
DG  C2    N2     sing N N 150 
DG  C2    N3     doub N N 151 
DG  N2    H21    sing N N 152 
DG  N2    H22    sing N N 153 
DG  N3    C4     sing N N 154 
DT  OP3   P      sing N N 155 
DT  OP3   HOP3   sing N N 156 
DT  P     OP1    doub N N 157 
DT  P     OP2    sing N N 158 
DT  P     "O5'"  sing N N 159 
DT  OP2   HOP2   sing N N 160 
DT  "O5'" "C5'"  sing N N 161 
DT  "C5'" "C4'"  sing N N 162 
DT  "C5'" "H5'"  sing N N 163 
DT  "C5'" "H5''" sing N N 164 
DT  "C4'" "O4'"  sing N N 165 
DT  "C4'" "C3'"  sing N N 166 
DT  "C4'" "H4'"  sing N N 167 
DT  "O4'" "C1'"  sing N N 168 
DT  "C3'" "O3'"  sing N N 169 
DT  "C3'" "C2'"  sing N N 170 
DT  "C3'" "H3'"  sing N N 171 
DT  "O3'" "HO3'" sing N N 172 
DT  "C2'" "C1'"  sing N N 173 
DT  "C2'" "H2'"  sing N N 174 
DT  "C2'" "H2''" sing N N 175 
DT  "C1'" N1     sing N N 176 
DT  "C1'" "H1'"  sing N N 177 
DT  N1    C2     sing N N 178 
DT  N1    C6     sing N N 179 
DT  C2    O2     doub N N 180 
DT  C2    N3     sing N N 181 
DT  N3    C4     sing N N 182 
DT  N3    H3     sing N N 183 
DT  C4    O4     doub N N 184 
DT  C4    C5     sing N N 185 
DT  C5    C7     sing N N 186 
DT  C5    C6     doub N N 187 
DT  C7    H71    sing N N 188 
DT  C7    H72    sing N N 189 
DT  C7    H73    sing N N 190 
DT  C6    H6     sing N N 191 
# 
loop_
_ndb_struct_conf_na.entry_id 
_ndb_struct_conf_na.feature 
1AG5 'double helix'        
1AG5 'b-form double helix' 
# 
loop_
_ndb_struct_na_base_pair.model_number 
_ndb_struct_na_base_pair.i_label_asym_id 
_ndb_struct_na_base_pair.i_label_comp_id 
_ndb_struct_na_base_pair.i_label_seq_id 
_ndb_struct_na_base_pair.i_symmetry 
_ndb_struct_na_base_pair.j_label_asym_id 
_ndb_struct_na_base_pair.j_label_comp_id 
_ndb_struct_na_base_pair.j_label_seq_id 
_ndb_struct_na_base_pair.j_symmetry 
_ndb_struct_na_base_pair.shear 
_ndb_struct_na_base_pair.stretch 
_ndb_struct_na_base_pair.stagger 
_ndb_struct_na_base_pair.buckle 
_ndb_struct_na_base_pair.propeller 
_ndb_struct_na_base_pair.opening 
_ndb_struct_na_base_pair.pair_number 
_ndb_struct_na_base_pair.pair_name 
_ndb_struct_na_base_pair.i_auth_asym_id 
_ndb_struct_na_base_pair.i_auth_seq_id 
_ndb_struct_na_base_pair.i_PDB_ins_code 
_ndb_struct_na_base_pair.j_auth_asym_id 
_ndb_struct_na_base_pair.j_auth_seq_id 
_ndb_struct_na_base_pair.j_PDB_ins_code 
_ndb_struct_na_base_pair.hbond_type_28 
_ndb_struct_na_base_pair.hbond_type_12 
1 A DC 1  1_555 B DG 11 1_555 0.215  -0.082 0.354  -15.320 -5.238  -6.402  1  A_DC1:DG21_B  A 1  ? B 21 ? 19 1 
1 A DC 2  1_555 B DG 10 1_555 1.003  -0.410 0.027  0.788   -13.495 0.769   2  A_DC2:DG20_B  A 2  ? B 20 ? 19 1 
1 A DA 3  1_555 B DT 9  1_555 0.455  0.032  -0.043 -1.042  -7.412  2.120   3  A_DA3:DT19_B  A 3  ? B 19 ? 20 1 
1 A DT 4  1_555 B DA 8  1_555 -0.390 0.125  -0.311 17.221  -6.158  -11.882 4  A_DT4:DA18_B  A 4  ? B 18 ? 20 1 
1 A DC 5  1_555 B DG 7  1_555 0.550  -0.211 -0.018 10.197  -9.914  -1.772  5  A_DC5:DG17_B  A 5  ? B 17 ? 19 1 
1 A DG 6  1_555 B DC 5  1_555 0.584  -0.072 -0.357 -13.205 6.362   0.584   6  A_DG6:DC15_B  A 6  ? B 15 ? 19 1 
1 A DA 7  1_555 B DT 4  1_555 0.213  -0.037 -0.287 -10.433 -12.968 5.244   7  A_DA7:DT14_B  A 7  ? B 14 ? 20 1 
1 A DT 8  1_555 B DA 3  1_555 0.358  -0.130 -0.047 -3.044  -12.497 8.202   8  A_DT8:DA13_B  A 8  ? B 13 ? 20 1 
1 A DC 9  1_555 B DG 2  1_555 0.795  -0.192 -0.081 -4.721  1.525   2.722   9  A_DC9:DG12_B  A 9  ? B 12 ? 19 1 
1 A DC 10 1_555 B DG 1  1_555 0.634  -0.197 -0.124 5.230   -1.993  -3.207  10 A_DC10:DG11_B A 10 ? B 11 ? 19 1 
# 
loop_
_ndb_struct_na_base_pair_step.model_number 
_ndb_struct_na_base_pair_step.i_label_asym_id_1 
_ndb_struct_na_base_pair_step.i_label_comp_id_1 
_ndb_struct_na_base_pair_step.i_label_seq_id_1 
_ndb_struct_na_base_pair_step.i_symmetry_1 
_ndb_struct_na_base_pair_step.j_label_asym_id_1 
_ndb_struct_na_base_pair_step.j_label_comp_id_1 
_ndb_struct_na_base_pair_step.j_label_seq_id_1 
_ndb_struct_na_base_pair_step.j_symmetry_1 
_ndb_struct_na_base_pair_step.i_label_asym_id_2 
_ndb_struct_na_base_pair_step.i_label_comp_id_2 
_ndb_struct_na_base_pair_step.i_label_seq_id_2 
_ndb_struct_na_base_pair_step.i_symmetry_2 
_ndb_struct_na_base_pair_step.j_label_asym_id_2 
_ndb_struct_na_base_pair_step.j_label_comp_id_2 
_ndb_struct_na_base_pair_step.j_label_seq_id_2 
_ndb_struct_na_base_pair_step.j_symmetry_2 
_ndb_struct_na_base_pair_step.shift 
_ndb_struct_na_base_pair_step.slide 
_ndb_struct_na_base_pair_step.rise 
_ndb_struct_na_base_pair_step.tilt 
_ndb_struct_na_base_pair_step.roll 
_ndb_struct_na_base_pair_step.twist 
_ndb_struct_na_base_pair_step.x_displacement 
_ndb_struct_na_base_pair_step.y_displacement 
_ndb_struct_na_base_pair_step.helical_rise 
_ndb_struct_na_base_pair_step.inclination 
_ndb_struct_na_base_pair_step.tip 
_ndb_struct_na_base_pair_step.helical_twist 
_ndb_struct_na_base_pair_step.step_number 
_ndb_struct_na_base_pair_step.step_name 
_ndb_struct_na_base_pair_step.i_auth_asym_id_1 
_ndb_struct_na_base_pair_step.i_auth_seq_id_1 
_ndb_struct_na_base_pair_step.i_PDB_ins_code_1 
_ndb_struct_na_base_pair_step.j_auth_asym_id_1 
_ndb_struct_na_base_pair_step.j_auth_seq_id_1 
_ndb_struct_na_base_pair_step.j_PDB_ins_code_1 
_ndb_struct_na_base_pair_step.i_auth_asym_id_2 
_ndb_struct_na_base_pair_step.i_auth_seq_id_2 
_ndb_struct_na_base_pair_step.i_PDB_ins_code_2 
_ndb_struct_na_base_pair_step.j_auth_asym_id_2 
_ndb_struct_na_base_pair_step.j_auth_seq_id_2 
_ndb_struct_na_base_pair_step.j_PDB_ins_code_2 
1 A DC 1 1_555 B DG 11 1_555 A DC 2  1_555 B DG 10 1_555 0.987  0.570  2.976 -0.449 2.685  32.555 0.588  -1.826 2.998 4.780   
0.799  32.665 1 AA_DC1DC2:DG20DG21_BB  A 1 ? B 21 ? A 2  ? B 20 ? 
1 A DC 2 1_555 B DG 10 1_555 A DA 3  1_555 B DT 9  1_555 -0.896 -0.657 2.950 -0.697 15.849 29.937 -3.336 1.445  2.338 28.317  
1.244  33.795 2 AA_DC2DA3:DT19DG20_BB  A 2 ? B 20 ? A 3  ? B 19 ? 
1 A DA 3 1_555 B DT 9  1_555 A DT 4  1_555 B DA 8  1_555 -0.884 -0.520 2.691 1.494  13.558 14.997 -6.129 3.028  1.587 42.248  
-4.654 20.246 3 AA_DA3DT4:DA18DT19_BB  A 3 ? B 19 ? A 4  ? B 18 ? 
1 A DT 4 1_555 B DA 8  1_555 A DC 5  1_555 B DG 7  1_555 0.546  -0.687 3.136 -3.141 2.898  35.997 -1.488 -1.294 3.017 4.669   
5.061  36.242 4 AA_DT4DC5:DG17DA18_BB  A 4 ? B 18 ? A 5  ? B 17 ? 
1 A DG 6 1_555 B DC 5  1_555 A DA 7  1_555 B DT 4  1_555 0.630  -0.851 3.022 -0.519 21.343 33.567 -3.399 -0.982 2.122 33.126  
0.806  39.616 5 AA_DG6DA7:DT14DC15_BB  A 6 ? B 15 ? A 7  ? B 14 ? 
1 A DA 7 1_555 B DT 4  1_555 A DT 8  1_555 B DA 3  1_555 0.422  -0.416 2.724 -1.544 4.103  28.698 -1.572 -1.121 2.615 8.218   
3.093  29.024 6 AA_DA7DT8:DA13DT14_BB  A 7 ? B 14 ? A 8  ? B 13 ? 
1 A DT 8 1_555 B DA 3  1_555 A DC 9  1_555 B DG 2  1_555 -0.092 -0.796 3.058 0.951  4.594  32.065 -2.170 0.318  2.915 8.261   
-1.710 32.398 7 AA_DT8DC9:DG12DA13_BB  A 8 ? B 13 ? A 9  ? B 12 ? 
1 A DC 9 1_555 B DG 2  1_555 A DC 10 1_555 B DG 1  1_555 1.330  -1.353 3.054 -1.727 -7.188 35.994 -1.200 -2.339 3.191 -11.483 
2.759  36.721 8 AA_DC9DC10:DG11DG12_BB A 9 ? B 12 ? A 10 ? B 11 ? 
# 
_pdbx_nmr_spectrometer.spectrometer_id   1 
_pdbx_nmr_spectrometer.model             AMX500 
_pdbx_nmr_spectrometer.manufacturer      Bruker 
_pdbx_nmr_spectrometer.field_strength    500 
# 
_atom_sites.entry_id                    1AG5 
_atom_sites.fract_transf_matrix[1][1]   1.000000 
_atom_sites.fract_transf_matrix[1][2]   0.000000 
_atom_sites.fract_transf_matrix[1][3]   0.000000 
_atom_sites.fract_transf_matrix[2][1]   0.000000 
_atom_sites.fract_transf_matrix[2][2]   1.000000 
_atom_sites.fract_transf_matrix[2][3]   0.000000 
_atom_sites.fract_transf_matrix[3][1]   0.000000 
_atom_sites.fract_transf_matrix[3][2]   0.000000 
_atom_sites.fract_transf_matrix[3][3]   1.000000 
_atom_sites.fract_transf_vector[1]      0.00000 
_atom_sites.fract_transf_vector[2]      0.00000 
_atom_sites.fract_transf_vector[3]      0.00000 
# 
loop_
_atom_type.symbol 
C 
H 
N 
O 
P 
# 
loop_
_atom_site.group_PDB 
_atom_site.id 
_atom_site.type_symbol 
_atom_site.label_atom_id 
_atom_site.label_alt_id 
_atom_site.label_comp_id 
_atom_site.label_asym_id 
_atom_site.label_entity_id 
_atom_site.label_seq_id 
_atom_site.pdbx_PDB_ins_code 
_atom_site.Cartn_x 
_atom_site.Cartn_y 
_atom_site.Cartn_z 
_atom_site.occupancy 
_atom_site.B_iso_or_equiv 
_atom_site.pdbx_formal_charge 
_atom_site.auth_seq_id 
_atom_site.auth_comp_id 
_atom_site.auth_asym_id 
_atom_site.auth_atom_id 
_atom_site.pdbx_PDB_model_num 
ATOM   1   O "O5'"  . DC  A 1 1  ? -6.458  12.469  10.465  1.00 1.79 ? 1  DC  A "O5'"  1 
ATOM   2   C "C5'"  . DC  A 1 1  ? -7.696  11.922  10.006  1.00 1.46 ? 1  DC  A "C5'"  1 
ATOM   3   C "C4'"  . DC  A 1 1  ? -7.951  12.258  8.535   1.00 1.38 ? 1  DC  A "C4'"  1 
ATOM   4   O "O4'"  . DC  A 1 1  ? -6.915  13.132  8.020   1.00 1.27 ? 1  DC  A "O4'"  1 
ATOM   5   C "C3'"  . DC  A 1 1  ? -7.968  10.995  7.690   1.00 1.30 ? 1  DC  A "C3'"  1 
ATOM   6   O "O3'"  . DC  A 1 1  ? -9.176  10.926  6.923   1.00 1.37 ? 1  DC  A "O3'"  1 
ATOM   7   C "C2'"  . DC  A 1 1  ? -6.750  11.077  6.803   1.00 1.11 ? 1  DC  A "C2'"  1 
ATOM   8   C "C1'"  . DC  A 1 1  ? -6.165  12.470  6.976   1.00 1.10 ? 1  DC  A "C1'"  1 
ATOM   9   N N1     . DC  A 1 1  ? -4.723  12.408  7.325   1.00 1.00 ? 1  DC  A N1     1 
ATOM   10  C C2     . DC  A 1 1  ? -3.824  13.097  6.514   1.00 0.93 ? 1  DC  A C2     1 
ATOM   11  O O2     . DC  A 1 1  ? -4.220  13.714  5.526   1.00 0.94 ? 1  DC  A O2     1 
ATOM   12  N N3     . DC  A 1 1  ? -2.500  13.064  6.843   1.00 0.87 ? 1  DC  A N3     1 
ATOM   13  C C4     . DC  A 1 1  ? -2.072  12.387  7.919   1.00 0.89 ? 1  DC  A C4     1 
ATOM   14  N N4     . DC  A 1 1  ? -0.770  12.378  8.218   1.00 0.87 ? 1  DC  A N4     1 
ATOM   15  C C5     . DC  A 1 1  ? -2.991  11.677  8.752   1.00 0.98 ? 1  DC  A C5     1 
ATOM   16  C C6     . DC  A 1 1  ? -4.298  11.713  8.421   1.00 1.03 ? 1  DC  A C6     1 
ATOM   17  H "H5'"  . DC  A 1 1  ? -8.508  12.328  10.605  1.00 1.73 ? 1  DC  A "H5'"  1 
ATOM   18  H "H5''" . DC  A 1 1  ? -7.673  10.836  10.130  1.00 1.79 ? 1  DC  A "H5''" 1 
ATOM   19  H "H4'"  . DC  A 1 1  ? -8.916  12.760  8.443   1.00 1.49 ? 1  DC  A "H4'"  1 
ATOM   20  H "H3'"  . DC  A 1 1  ? -7.890  10.118  8.336   1.00 1.35 ? 1  DC  A "H3'"  1 
ATOM   21  H "H2'"  . DC  A 1 1  ? -6.021  10.327  7.109   1.00 1.06 ? 1  DC  A "H2'"  1 
ATOM   22  H "H2''" . DC  A 1 1  ? -7.033  10.917  5.764   1.00 1.06 ? 1  DC  A "H2''" 1 
ATOM   23  H "H1'"  . DC  A 1 1  ? -6.284  13.024  6.043   1.00 1.06 ? 1  DC  A "H1'"  1 
ATOM   24  H H41    . DC  A 1 1  ? -0.113  12.878  7.635   1.00 0.83 ? 1  DC  A H41    1 
ATOM   25  H H42    . DC  A 1 1  ? -0.442  11.873  9.029   1.00 0.91 ? 1  DC  A H42    1 
ATOM   26  H H5     . DC  A 1 1  ? -2.646  11.120  9.624   1.00 1.02 ? 1  DC  A H5     1 
ATOM   27  H H6     . DC  A 1 1  ? -5.022  11.184  9.040   1.00 1.12 ? 1  DC  A H6     1 
ATOM   28  H "HO5'" . DC  A 1 1  ? -6.666  13.245  10.989  1.00 2.02 ? 1  DC  A "HO5'" 1 
ATOM   29  P P      . DC  A 1 2  ? -9.527  9.624   6.045   1.00 1.37 ? 2  DC  A P      1 
ATOM   30  O OP1    . DC  A 1 2  ? -10.945 9.707   5.635   1.00 1.99 ? 2  DC  A OP1    1 
ATOM   31  O OP2    . DC  A 1 2  ? -9.034  8.430   6.763   1.00 1.89 ? 2  DC  A OP2    1 
ATOM   32  O "O5'"  . DC  A 1 2  ? -8.621  9.848   4.742   1.00 1.16 ? 2  DC  A "O5'"  1 
ATOM   33  C "C5'"  . DC  A 1 2  ? -8.792  11.034  3.965   1.00 1.09 ? 2  DC  A "C5'"  1 
ATOM   34  C "C4'"  . DC  A 1 2  ? -7.566  11.337  3.124   1.00 0.90 ? 2  DC  A "C4'"  1 
ATOM   35  O "O4'"  . DC  A 1 2  ? -6.406  11.590  3.946   1.00 0.85 ? 2  DC  A "O4'"  1 
ATOM   36  C "C3'"  . DC  A 1 2  ? -7.238  10.165  2.215   1.00 0.84 ? 2  DC  A "C3'"  1 
ATOM   37  O "O3'"  . DC  A 1 2  ? -7.624  10.446  0.864   1.00 0.84 ? 2  DC  A "O3'"  1 
ATOM   38  C "C2'"  . DC  A 1 2  ? -5.746  9.965   2.345   1.00 0.69 ? 2  DC  A "C2'"  1 
ATOM   39  C "C1'"  . DC  A 1 2  ? -5.246  11.037  3.295   1.00 0.69 ? 2  DC  A "C1'"  1 
ATOM   40  N N1     . DC  A 1 2  ? -4.281  10.483  4.270   1.00 0.67 ? 2  DC  A N1     1 
ATOM   41  C C2     . DC  A 1 2  ? -2.984  10.972  4.229   1.00 0.56 ? 2  DC  A C2     1 
ATOM   42  O O2     . DC  A 1 2  ? -2.660  11.804  3.385   1.00 0.49 ? 2  DC  A O2     1 
ATOM   43  N N3     . DC  A 1 2  ? -2.083  10.495  5.129   1.00 0.56 ? 2  DC  A N3     1 
ATOM   44  C C4     . DC  A 1 2  ? -2.432  9.572   6.033   1.00 0.68 ? 2  DC  A C4     1 
ATOM   45  N N4     . DC  A 1 2  ? -1.520  9.135   6.900   1.00 0.70 ? 2  DC  A N4     1 
ATOM   46  C C5     . DC  A 1 2  ? -3.767  9.058   6.079   1.00 0.80 ? 2  DC  A C5     1 
ATOM   47  C C6     . DC  A 1 2  ? -4.655  9.539   5.185   1.00 0.79 ? 2  DC  A C6     1 
ATOM   48  H "H5'"  . DC  A 1 2  ? -8.980  11.873  4.635   1.00 1.16 ? 2  DC  A "H5'"  1 
ATOM   49  H "H5''" . DC  A 1 2  ? -9.650  10.904  3.302   1.00 1.14 ? 2  DC  A "H5''" 1 
ATOM   50  H "H4'"  . DC  A 1 2  ? -7.765  12.218  2.512   1.00 0.87 ? 2  DC  A "H4'"  1 
ATOM   51  H "H3'"  . DC  A 1 2  ? -7.753  9.269   2.573   1.00 0.94 ? 2  DC  A "H3'"  1 
ATOM   52  H "H2'"  . DC  A 1 2  ? -5.540  8.977   2.756   1.00 0.70 ? 2  DC  A "H2'"  1 
ATOM   53  H "H2''" . DC  A 1 2  ? -5.266  10.074  1.375   1.00 0.62 ? 2  DC  A "H2''" 1 
ATOM   54  H "H1'"  . DC  A 1 2  ? -4.757  11.822  2.715   1.00 0.62 ? 2  DC  A "H1'"  1 
ATOM   55  H H41    . DC  A 1 2  ? -0.579  9.500   6.864   1.00 0.63 ? 2  DC  A H41    1 
ATOM   56  H H42    . DC  A 1 2  ? -1.770  8.447   7.595   1.00 0.81 ? 2  DC  A H42    1 
ATOM   57  H H5     . DC  A 1 2  ? -4.053  8.299   6.809   1.00 0.91 ? 2  DC  A H5     1 
ATOM   58  H H6     . DC  A 1 2  ? -5.679  9.166   5.189   1.00 0.90 ? 2  DC  A H6     1 
ATOM   59  P P      . DA  A 1 3  ? -7.013  9.596   -0.356  1.00 1.07 ? 3  DA  A P      1 
ATOM   60  O OP1    . DA  A 1 3  ? -7.726  9.974   -1.598  1.00 1.71 ? 3  DA  A OP1    1 
ATOM   61  O OP2    . DA  A 1 3  ? -6.939  8.177   0.056   1.00 2.03 ? 3  DA  A OP2    1 
ATOM   62  O "O5'"  . DA  A 1 3  ? -5.516  10.174  -0.438  1.00 0.93 ? 3  DA  A "O5'"  1 
ATOM   63  C "C5'"  . DA  A 1 3  ? -5.262  11.436  -1.057  1.00 0.76 ? 3  DA  A "C5'"  1 
ATOM   64  C "C4'"  . DA  A 1 3  ? -3.987  11.389  -1.882  1.00 0.68 ? 3  DA  A "C4'"  1 
ATOM   65  O "O4'"  . DA  A 1 3  ? -2.821  11.412  -1.032  1.00 0.69 ? 3  DA  A "O4'"  1 
ATOM   66  C "C3'"  . DA  A 1 3  ? -3.946  10.120  -2.716  1.00 0.63 ? 3  DA  A "C3'"  1 
ATOM   67  O "O3'"  . DA  A 1 3  ? -3.687  10.457  -4.092  1.00 0.67 ? 3  DA  A "O3'"  1 
ATOM   68  C "C2'"  . DA  A 1 3  ? -2.856  9.269   -2.091  1.00 0.59 ? 3  DA  A "C2'"  1 
ATOM   69  C "C1'"  . DA  A 1 3  ? -2.087  10.177  -1.145  1.00 0.60 ? 3  DA  A "C1'"  1 
ATOM   70  N N9     . DA  A 1 3  ? -1.917  9.564   0.187   1.00 0.55 ? 3  DA  A N9     1 
ATOM   71  C C8     . DA  A 1 3  ? -2.837  8.998   1.009   1.00 0.56 ? 3  DA  A C8     1 
ATOM   72  N N7     . DA  A 1 3  ? -2.439  8.615   2.176   1.00 0.54 ? 3  DA  A N7     1 
ATOM   73  C C5     . DA  A 1 3  ? -1.084  8.958   2.138   1.00 0.49 ? 3  DA  A C5     1 
ATOM   74  C C6     . DA  A 1 3  ? -0.045  8.828   3.068   1.00 0.46 ? 3  DA  A C6     1 
ATOM   75  N N6     . DA  A 1 3  ? -0.215  8.306   4.282   1.00 0.48 ? 3  DA  A N6     1 
ATOM   76  N N1     . DA  A 1 3  ? 1.172   9.267   2.701   1.00 0.45 ? 3  DA  A N1     1 
ATOM   77  C C2     . DA  A 1 3  ? 1.361   9.805   1.496   1.00 0.46 ? 3  DA  A C2     1 
ATOM   78  N N3     . DA  A 1 3  ? 0.450   9.981   0.543   1.00 0.48 ? 3  DA  A N3     1 
ATOM   79  C C4     . DA  A 1 3  ? -0.759  9.532   0.932   1.00 0.50 ? 3  DA  A C4     1 
ATOM   80  H "H5'"  . DA  A 1 3  ? -5.164  12.203  -0.288  1.00 0.96 ? 3  DA  A "H5'"  1 
ATOM   81  H "H5''" . DA  A 1 3  ? -6.099  11.688  -1.709  1.00 1.10 ? 3  DA  A "H5''" 1 
ATOM   82  H "H4'"  . DA  A 1 3  ? -3.960  12.253  -2.546  1.00 0.75 ? 3  DA  A "H4'"  1 
ATOM   83  H "H3'"  . DA  A 1 3  ? -4.903  9.598   -2.633  1.00 0.65 ? 3  DA  A "H3'"  1 
ATOM   84  H "H2'"  . DA  A 1 3  ? -3.306  8.447   -1.533  1.00 0.59 ? 3  DA  A "H2'"  1 
ATOM   85  H "H2''" . DA  A 1 3  ? -2.188  8.876   -2.854  1.00 0.59 ? 3  DA  A "H2''" 1 
ATOM   86  H "H1'"  . DA  A 1 3  ? -1.105  10.384  -1.570  1.00 0.60 ? 3  DA  A "H1'"  1 
ATOM   87  H H8     . DA  A 1 3  ? -3.870  8.861   0.691   1.00 0.61 ? 3  DA  A H8     1 
ATOM   88  H H61    . DA  A 1 3  ? 0.569   8.238   4.916   1.00 0.47 ? 3  DA  A H61    1 
ATOM   89  H H62    . DA  A 1 3  ? -1.127  7.982   4.569   1.00 0.51 ? 3  DA  A H62    1 
ATOM   90  H H2     . DA  A 1 3  ? 2.373   10.137  1.265   1.00 0.46 ? 3  DA  A H2     1 
ATOM   91  P P      . DT  A 1 4  ? -2.839  9.506   -5.073  1.00 1.04 ? 4  DT  A P      1 
ATOM   92  O OP1    . DT  A 1 4  ? -2.822  10.126  -6.417  1.00 1.88 ? 4  DT  A OP1    1 
ATOM   93  O OP2    . DT  A 1 4  ? -3.319  8.115   -4.907  1.00 2.06 ? 4  DT  A OP2    1 
ATOM   94  O "O5'"  . DT  A 1 4  ? -1.359  9.611   -4.446  1.00 0.81 ? 4  DT  A "O5'"  1 
ATOM   95  C "C5'"  . DT  A 1 4  ? -0.203  9.340   -5.243  1.00 0.73 ? 4  DT  A "C5'"  1 
ATOM   96  C "C4'"  . DT  A 1 4  ? 0.339   7.934   -4.996  1.00 0.67 ? 4  DT  A "C4'"  1 
ATOM   97  O "O4'"  . DT  A 1 4  ? 0.804   7.780   -3.632  1.00 0.58 ? 4  DT  A "O4'"  1 
ATOM   98  C "C3'"  . DT  A 1 4  ? -0.736  6.874   -5.238  1.00 0.69 ? 4  DT  A "C3'"  1 
ATOM   99  O "O3'"  . DT  A 1 4  ? -0.389  6.039   -6.364  1.00 0.72 ? 4  DT  A "O3'"  1 
ATOM   100 C "C2'"  . DT  A 1 4  ? -0.825  6.098   -3.941  1.00 0.60 ? 4  DT  A "C2'"  1 
ATOM   101 C "C1'"  . DT  A 1 4  ? 0.423   6.476   -3.159  1.00 0.55 ? 4  DT  A "C1'"  1 
ATOM   102 N N1     . DT  A 1 4  ? 0.241   6.449   -1.678  1.00 0.50 ? 4  DT  A N1     1 
ATOM   103 C C2     . DT  A 1 4  ? 1.378   6.668   -0.910  1.00 0.47 ? 4  DT  A C2     1 
ATOM   104 O O2     . DT  A 1 4  ? 2.468   6.936   -1.412  1.00 0.49 ? 4  DT  A O2     1 
ATOM   105 N N3     . DT  A 1 4  ? 1.221   6.562   0.460   1.00 0.44 ? 4  DT  A N3     1 
ATOM   106 C C4     . DT  A 1 4  ? 0.049   6.265   1.125   1.00 0.43 ? 4  DT  A C4     1 
ATOM   107 O O4     . DT  A 1 4  ? 0.034   6.179   2.349   1.00 0.42 ? 4  DT  A O4     1 
ATOM   108 C C5     . DT  A 1 4  ? -1.087  6.058   0.257   1.00 0.46 ? 4  DT  A C5     1 
ATOM   109 C C7     . DT  A 1 4  ? -2.443  5.719   0.872   1.00 0.48 ? 4  DT  A C7     1 
ATOM   110 C C6     . DT  A 1 4  ? -0.968  6.152   -1.085  1.00 0.50 ? 4  DT  A C6     1 
ATOM   111 H "H5'"  . DT  A 1 4  ? 0.573   10.066  -5.000  1.00 0.98 ? 4  DT  A "H5'"  1 
ATOM   112 H "H5''" . DT  A 1 4  ? -0.465  9.439   -6.297  1.00 0.77 ? 4  DT  A "H5''" 1 
ATOM   113 H "H4'"  . DT  A 1 4  ? 1.170   7.754   -5.674  1.00 0.70 ? 4  DT  A "H4'"  1 
ATOM   114 H "H3'"  . DT  A 1 4  ? -1.691  7.362   -5.426  1.00 0.75 ? 4  DT  A "H3'"  1 
ATOM   115 H "H2'"  . DT  A 1 4  ? -1.717  6.406   -3.403  1.00 0.60 ? 4  DT  A "H2'"  1 
ATOM   116 H "H2''" . DT  A 1 4  ? -0.850  5.025   -4.129  1.00 0.59 ? 4  DT  A "H2''" 1 
ATOM   117 H "H1'"  . DT  A 1 4  ? 1.215   5.774   -3.425  1.00 0.54 ? 4  DT  A "H1'"  1 
ATOM   118 H H3     . DT  A 1 4  ? 2.044   6.706   1.027   1.00 0.43 ? 4  DT  A H3     1 
ATOM   119 H H71    . DT  A 1 4  ? -2.703  4.687   0.634   1.00 0.95 ? 4  DT  A H71    1 
ATOM   120 H H72    . DT  A 1 4  ? -3.204  6.387   0.468   1.00 0.97 ? 4  DT  A H72    1 
ATOM   121 H H73    . DT  A 1 4  ? -2.392  5.840   1.954   1.00 0.88 ? 4  DT  A H73    1 
ATOM   122 H H6     . DT  A 1 4  ? -1.845  5.981   -1.702  1.00 0.53 ? 4  DT  A H6     1 
ATOM   123 P P      . DC  A 1 5  ? 0.537   4.723   -6.222  1.00 1.08 ? 5  DC  A P      1 
ATOM   124 O OP1    . DC  A 1 5  ? 1.260   4.525   -7.499  1.00 1.42 ? 5  DC  A OP1    1 
ATOM   125 O OP2    . DC  A 1 5  ? -0.295  3.630   -5.671  1.00 2.22 ? 5  DC  A OP2    1 
ATOM   126 O "O5'"  . DC  A 1 5  ? 1.606   5.154   -5.101  1.00 1.03 ? 5  DC  A "O5'"  1 
ATOM   127 C "C5'"  . DC  A 1 5  ? 2.824   5.818   -5.455  1.00 0.60 ? 5  DC  A "C5'"  1 
ATOM   128 C "C4'"  . DC  A 1 5  ? 4.017   5.142   -4.799  1.00 0.57 ? 5  DC  A "C4'"  1 
ATOM   129 O "O4'"  . DC  A 1 5  ? 3.941   5.249   -3.357  1.00 0.52 ? 5  DC  A "O4'"  1 
ATOM   130 C "C3'"  . DC  A 1 5  ? 4.034   3.670   -5.167  1.00 0.61 ? 5  DC  A "C3'"  1 
ATOM   131 O "O3'"  . DC  A 1 5  ? 5.292   3.303   -5.750  1.00 0.67 ? 5  DC  A "O3'"  1 
ATOM   132 C "C2'"  . DC  A 1 5  ? 3.781   2.934   -3.879  1.00 0.49 ? 5  DC  A "C2'"  1 
ATOM   133 C "C1'"  . DC  A 1 5  ? 3.987   3.939   -2.760  1.00 0.48 ? 5  DC  A "C1'"  1 
ATOM   134 N N1     . DC  A 1 5  ? 2.949   3.794   -1.709  1.00 0.45 ? 5  DC  A N1     1 
ATOM   135 C C2     . DC  A 1 5  ? 3.375   3.748   -0.387  1.00 0.43 ? 5  DC  A C2     1 
ATOM   136 O O2     . DC  A 1 5  ? 4.568   3.852   -0.112  1.00 0.43 ? 5  DC  A O2     1 
ATOM   137 N N3     . DC  A 1 5  ? 2.441   3.580   0.585   1.00 0.41 ? 5  DC  A N3     1 
ATOM   138 C C4     . DC  A 1 5  ? 1.144   3.462   0.284   1.00 0.42 ? 5  DC  A C4     1 
ATOM   139 N N4     . DC  A 1 5  ? 0.264   3.273   1.265   1.00 0.41 ? 5  DC  A N4     1 
ATOM   140 C C5     . DC  A 1 5  ? 0.695   3.514   -1.071  1.00 0.44 ? 5  DC  A C5     1 
ATOM   141 C C6     . DC  A 1 5  ? 1.624   3.681   -2.032  1.00 0.46 ? 5  DC  A C6     1 
ATOM   142 H "H5'"  . DC  A 1 5  ? 2.777   6.855   -5.129  1.00 0.88 ? 5  DC  A "H5'"  1 
ATOM   143 H "H5''" . DC  A 1 5  ? 2.948   5.786   -6.537  1.00 0.94 ? 5  DC  A "H5''" 1 
ATOM   144 H "H4'"  . DC  A 1 5  ? 4.936   5.612   -5.148  1.00 0.57 ? 5  DC  A "H4'"  1 
ATOM   145 H "H3'"  . DC  A 1 5  ? 3.220   3.462   -5.868  1.00 0.70 ? 5  DC  A "H3'"  1 
ATOM   146 H "H2'"  . DC  A 1 5  ? 2.756   2.571   -3.864  1.00 0.48 ? 5  DC  A "H2'"  1 
ATOM   147 H "H2''" . DC  A 1 5  ? 4.469   2.101   -3.771  1.00 0.44 ? 5  DC  A "H2''" 1 
ATOM   148 H "H1'"  . DC  A 1 5  ? 4.972   3.783   -2.315  1.00 0.47 ? 5  DC  A "H1'"  1 
ATOM   149 H H41    . DC  A 1 5  ? 0.579   3.234   2.224   1.00 0.40 ? 5  DC  A H41    1 
ATOM   150 H H42    . DC  A 1 5  ? -0.717  3.166   1.051   1.00 0.41 ? 5  DC  A H42    1 
ATOM   151 H H5     . DC  A 1 5  ? -0.364  3.422   -1.319  1.00 0.45 ? 5  DC  A H5     1 
ATOM   152 H H6     . DC  A 1 5  ? 1.315   3.726   -3.076  1.00 0.49 ? 5  DC  A H6     1 
ATOM   153 P P      . DG  A 1 6  ? 5.471   1.872   -6.464  1.00 0.78 ? 6  DG  A P      1 
ATOM   154 O OP1    . DG  A 1 6  ? 6.804   1.822   -7.104  1.00 0.97 ? 6  DG  A OP1    1 
ATOM   155 O OP2    . DG  A 1 6  ? 4.260   1.602   -7.270  1.00 1.90 ? 6  DG  A OP2    1 
ATOM   156 O "O5'"  . DG  A 1 6  ? 5.478   0.874   -5.200  1.00 0.87 ? 6  DG  A "O5'"  1 
ATOM   157 C "C5'"  . DG  A 1 6  ? 6.513   0.955   -4.211  1.00 0.45 ? 6  DG  A "C5'"  1 
ATOM   158 C "C4'"  . DG  A 1 6  ? 6.538   -0.294  -3.342  1.00 0.49 ? 6  DG  A "C4'"  1 
ATOM   159 O "O4'"  . DG  A 1 6  ? 5.302   -0.465  -2.612  1.00 0.64 ? 6  DG  A "O4'"  1 
ATOM   160 C "C3'"  . DG  A 1 6  ? 6.744   -1.536  -4.196  1.00 0.50 ? 6  DG  A "C3'"  1 
ATOM   161 O "O3'"  . DG  A 1 6  ? 8.040   -2.097  -3.906  1.00 0.53 ? 6  DG  A "O3'"  1 
ATOM   162 C "C2'"  . DG  A 1 6  ? 5.586   -2.457  -3.846  1.00 0.49 ? 6  DG  A "C2'"  1 
ATOM   163 C "C1'"  . DG  A 1 6  ? 4.957   -1.860  -2.605  1.00 0.54 ? 6  DG  A "C1'"  1 
ATOM   164 N N9     . DG  A 1 6  ? 3.490   -2.063  -2.565  1.00 0.48 ? 6  DG  A N9     1 
ATOM   165 C C8     . DG  A 1 6  ? 2.492   -1.459  -3.266  1.00 0.48 ? 6  DG  A C8     1 
ATOM   166 N N7     . DG  A 1 6  ? 1.269   -1.802  -2.986  1.00 0.45 ? 6  DG  A N7     1 
ATOM   167 C C5     . DG  A 1 6  ? 1.471   -2.749  -1.977  1.00 0.41 ? 6  DG  A C5     1 
ATOM   168 C C6     . DG  A 1 6  ? 0.520   -3.511  -1.246  1.00 0.36 ? 6  DG  A C6     1 
ATOM   169 O O6     . DG  A 1 6  ? -0.706  -3.483  -1.329  1.00 0.36 ? 6  DG  A O6     1 
ATOM   170 N N1     . DG  A 1 6  ? 1.138   -4.357  -0.338  1.00 0.35 ? 6  DG  A N1     1 
ATOM   171 C C2     . DG  A 1 6  ? 2.498   -4.463  -0.144  1.00 0.37 ? 6  DG  A C2     1 
ATOM   172 N N2     . DG  A 1 6  ? 2.892   -5.347  0.770   1.00 0.36 ? 6  DG  A N2     1 
ATOM   173 N N3     . DG  A 1 6  ? 3.399   -3.749  -0.823  1.00 0.41 ? 6  DG  A N3     1 
ATOM   174 C C4     . DG  A 1 6  ? 2.821   -2.917  -1.719  1.00 0.43 ? 6  DG  A C4     1 
ATOM   175 H "H5'"  . DG  A 1 6  ? 6.343   1.828   -3.579  1.00 0.97 ? 6  DG  A "H5'"  1 
ATOM   176 H "H5''" . DG  A 1 6  ? 7.482   1.061   -4.709  1.00 0.82 ? 6  DG  A "H5''" 1 
ATOM   177 H "H4'"  . DG  A 1 6  ? 7.361   -0.217  -2.629  1.00 0.49 ? 6  DG  A "H4'"  1 
ATOM   178 H "H3'"  . DG  A 1 6  ? 6.683   -1.263  -5.252  1.00 0.50 ? 6  DG  A "H3'"  1 
ATOM   179 H "H2'"  . DG  A 1 6  ? 4.862   -2.464  -4.663  1.00 0.46 ? 6  DG  A "H2'"  1 
ATOM   180 H "H2''" . DG  A 1 6  ? 5.934   -3.469  -3.648  1.00 0.51 ? 6  DG  A "H2''" 1 
ATOM   181 H "H1'"  . DG  A 1 6  ? 5.404   -2.329  -1.726  1.00 0.60 ? 6  DG  A "H1'"  1 
ATOM   182 H H8     . DG  A 1 6  ? 2.710   -0.717  -4.037  1.00 0.51 ? 6  DG  A H8     1 
ATOM   183 H H1     . DG  A 1 6  ? 0.525   -4.930  0.221   1.00 0.32 ? 6  DG  A H1     1 
ATOM   184 H H21    . DG  A 1 6  ? 2.203   -5.883  1.280   1.00 0.85 ? 6  DG  A H21    1 
ATOM   185 H H22    . DG  A 1 6  ? 3.876   -5.482  0.955   1.00 1.04 ? 6  DG  A H22    1 
ATOM   186 P P      . DA  A 1 7  ? 8.303   -3.681  -3.807  1.00 0.95 ? 7  DA  A P      1 
ATOM   187 O OP1    . DA  A 1 7  ? 9.723   -3.895  -3.444  1.00 1.49 ? 7  DA  A OP1    1 
ATOM   188 O OP2    . DA  A 1 7  ? 7.744   -4.323  -5.018  1.00 2.14 ? 7  DA  A OP2    1 
ATOM   189 O "O5'"  . DA  A 1 7  ? 7.390   -4.096  -2.546  1.00 0.79 ? 7  DA  A "O5'"  1 
ATOM   190 C "C5'"  . DA  A 1 7  ? 7.850   -5.059  -1.597  1.00 0.59 ? 7  DA  A "C5'"  1 
ATOM   191 C "C4'"  . DA  A 1 7  ? 7.176   -6.411  -1.799  1.00 0.53 ? 7  DA  A "C4'"  1 
ATOM   192 O "O4'"  . DA  A 1 7  ? 5.765   -6.342  -1.504  1.00 0.47 ? 7  DA  A "O4'"  1 
ATOM   193 C "C3'"  . DA  A 1 7  ? 7.325   -6.885  -3.241  1.00 0.53 ? 7  DA  A "C3'"  1 
ATOM   194 O "O3'"  . DA  A 1 7  ? 8.282   -7.951  -3.359  1.00 0.62 ? 7  DA  A "O3'"  1 
ATOM   195 C "C2'"  . DA  A 1 7  ? 5.947   -7.328  -3.668  1.00 0.46 ? 7  DA  A "C2'"  1 
ATOM   196 C "C1'"  . DA  A 1 7  ? 5.040   -7.138  -2.462  1.00 0.42 ? 7  DA  A "C1'"  1 
ATOM   197 N N9     . DA  A 1 7  ? 3.767   -6.488  -2.841  1.00 0.37 ? 7  DA  A N9     1 
ATOM   198 C C8     . DA  A 1 7  ? 3.532   -5.469  -3.706  1.00 0.37 ? 7  DA  A C8     1 
ATOM   199 N N7     . DA  A 1 7  ? 2.305   -5.108  -3.883  1.00 0.34 ? 7  DA  A N7     1 
ATOM   200 C C5     . DA  A 1 7  ? 1.627   -5.988  -3.035  1.00 0.32 ? 7  DA  A C5     1 
ATOM   201 C C6     . DA  A 1 7  ? 0.272   -6.157  -2.734  1.00 0.31 ? 7  DA  A C6     1 
ATOM   202 N N6     . DA  A 1 7  ? -0.694  -5.424  -3.286  1.00 0.32 ? 7  DA  A N6     1 
ATOM   203 N N1     . DA  A 1 7  ? -0.050  -7.118  -1.851  1.00 0.31 ? 7  DA  A N1     1 
ATOM   204 C C2     . DA  A 1 7  ? 0.901   -7.872  -1.296  1.00 0.33 ? 7  DA  A C2     1 
ATOM   205 N N3     . DA  A 1 7  ? 2.211   -7.798  -1.510  1.00 0.34 ? 7  DA  A N3     1 
ATOM   206 C C4     . DA  A 1 7  ? 2.510   -6.828  -2.396  1.00 0.33 ? 7  DA  A C4     1 
ATOM   207 H "H5'"  . DA  A 1 7  ? 7.633   -4.699  -0.591  1.00 1.00 ? 7  DA  A "H5'"  1 
ATOM   208 H "H5''" . DA  A 1 7  ? 8.928   -5.180  -1.705  1.00 0.74 ? 7  DA  A "H5''" 1 
ATOM   209 H "H4'"  . DA  A 1 7  ? 7.640   -7.137  -1.133  1.00 0.63 ? 7  DA  A "H4'"  1 
ATOM   210 H "H3'"  . DA  A 1 7  ? 7.633   -6.047  -3.866  1.00 0.55 ? 7  DA  A "H3'"  1 
ATOM   211 H "H2'"  . DA  A 1 7  ? 5.602   -6.709  -4.496  1.00 0.44 ? 7  DA  A "H2'"  1 
ATOM   212 H "H2''" . DA  A 1 7  ? 5.962   -8.375  -3.967  1.00 0.46 ? 7  DA  A "H2''" 1 
ATOM   213 H "H1'"  . DA  A 1 7  ? 4.825   -8.113  -2.025  1.00 0.44 ? 7  DA  A "H1'"  1 
ATOM   214 H H8     . DA  A 1 7  ? 4.349   -4.974  -4.231  1.00 0.41 ? 7  DA  A H8     1 
ATOM   215 H H61    . DA  A 1 7  ? -1.658  -5.586  -3.033  1.00 0.34 ? 7  DA  A H61    1 
ATOM   216 H H62    . DA  A 1 7  ? -0.461  -4.706  -3.956  1.00 0.34 ? 7  DA  A H62    1 
ATOM   217 H H2     . DA  A 1 7  ? 0.567   -8.631  -0.589  1.00 0.35 ? 7  DA  A H2     1 
ATOM   218 P P      . DT  A 1 8  ? 8.260   -9.223  -2.369  1.00 0.64 ? 8  DT  A P      1 
ATOM   219 O OP1    . DT  A 1 8  ? 8.573   -8.753  -0.999  1.00 1.26 ? 8  DT  A OP1    1 
ATOM   220 O OP2    . DT  A 1 8  ? 9.069   -10.300 -2.979  1.00 1.70 ? 8  DT  A OP2    1 
ATOM   221 O "O5'"  . DT  A 1 8  ? 6.715   -9.669  -2.411  1.00 0.67 ? 8  DT  A "O5'"  1 
ATOM   222 C "C5'"  . DT  A 1 8  ? 6.193   -10.555 -1.423  1.00 0.69 ? 8  DT  A "C5'"  1 
ATOM   223 C "C4'"  . DT  A 1 8  ? 4.961   -11.299 -1.928  1.00 0.59 ? 8  DT  A "C4'"  1 
ATOM   224 O "O4'"  . DT  A 1 8  ? 3.851   -10.404 -2.147  1.00 0.49 ? 8  DT  A "O4'"  1 
ATOM   225 C "C3'"  . DT  A 1 8  ? 5.240   -12.004 -3.255  1.00 0.59 ? 8  DT  A "C3'"  1 
ATOM   226 O "O3'"  . DT  A 1 8  ? 5.382   -13.420 -3.061  1.00 0.66 ? 8  DT  A "O3'"  1 
ATOM   227 C "C2'"  . DT  A 1 8  ? 4.049   -11.675 -4.134  1.00 0.47 ? 8  DT  A "C2'"  1 
ATOM   228 C "C1'"  . DT  A 1 8  ? 3.082   -10.905 -3.254  1.00 0.40 ? 8  DT  A "C1'"  1 
ATOM   229 N N1     . DT  A 1 8  ? 2.390   -9.818  -3.990  1.00 0.32 ? 8  DT  A N1     1 
ATOM   230 C C2     . DT  A 1 8  ? 1.031   -9.688  -3.770  1.00 0.30 ? 8  DT  A C2     1 
ATOM   231 O O2     . DT  A 1 8  ? 0.416   -10.430 -3.007  1.00 0.35 ? 8  DT  A O2     1 
ATOM   232 N N3     . DT  A 1 8  ? 0.396   -8.679  -4.461  1.00 0.28 ? 8  DT  A N3     1 
ATOM   233 C C4     . DT  A 1 8  ? 0.985   -7.794  -5.342  1.00 0.27 ? 8  DT  A C4     1 
ATOM   234 O O4     . DT  A 1 8  ? 0.314   -6.924  -5.892  1.00 0.29 ? 8  DT  A O4     1 
ATOM   235 C C5     . DT  A 1 8  ? 2.406   -7.998  -5.519  1.00 0.28 ? 8  DT  A C5     1 
ATOM   236 C C7     . DT  A 1 8  ? 3.178   -7.097  -6.480  1.00 0.32 ? 8  DT  A C7     1 
ATOM   237 C C6     . DT  A 1 8  ? 3.057   -8.981  -4.854  1.00 0.31 ? 8  DT  A C6     1 
ATOM   238 H "H5'"  . DT  A 1 8  ? 5.922   -9.980  -0.537  1.00 0.73 ? 8  DT  A "H5'"  1 
ATOM   239 H "H5''" . DT  A 1 8  ? 6.960   -11.280 -1.156  1.00 0.78 ? 8  DT  A "H5''" 1 
ATOM   240 H "H4'"  . DT  A 1 8  ? 4.671   -12.044 -1.187  1.00 0.64 ? 8  DT  A "H4'"  1 
ATOM   241 H "H3'"  . DT  A 1 8  ? 6.147   -11.592 -3.704  1.00 0.66 ? 8  DT  A "H3'"  1 
ATOM   242 H "H2'"  . DT  A 1 8  ? 4.370   -11.059 -4.973  1.00 0.47 ? 8  DT  A "H2'"  1 
ATOM   243 H "H2''" . DT  A 1 8  ? 3.577   -12.586 -4.497  1.00 0.47 ? 8  DT  A "H2''" 1 
ATOM   244 H "H1'"  . DT  A 1 8  ? 2.335   -11.601 -2.871  1.00 0.40 ? 8  DT  A "H1'"  1 
ATOM   245 H H3     . DT  A 1 8  ? -0.598  -8.581  -4.307  1.00 0.30 ? 8  DT  A H3     1 
ATOM   246 H H71    . DT  A 1 8  ? 4.019   -6.643  -5.958  1.00 1.00 ? 8  DT  A H71    1 
ATOM   247 H H72    . DT  A 1 8  ? 2.517   -6.313  -6.852  1.00 1.09 ? 8  DT  A H72    1 
ATOM   248 H H73    . DT  A 1 8  ? 3.546   -7.687  -7.317  1.00 1.06 ? 8  DT  A H73    1 
ATOM   249 H H6     . DT  A 1 8  ? 4.129   -9.109  -5.005  1.00 0.36 ? 8  DT  A H6     1 
ATOM   250 P P      . DC  A 1 9  ? 5.185   -14.453 -4.285  1.00 1.20 ? 9  DC  A P      1 
ATOM   251 O OP1    . DC  A 1 9  ? 5.673   -15.782 -3.855  1.00 2.21 ? 9  DC  A OP1    1 
ATOM   252 O OP2    . DC  A 1 9  ? 5.727   -13.829 -5.513  1.00 2.05 ? 9  DC  A OP2    1 
ATOM   253 O "O5'"  . DC  A 1 9  ? 3.580   -14.521 -4.419  1.00 1.02 ? 9  DC  A "O5'"  1 
ATOM   254 C "C5'"  . DC  A 1 9  ? 2.794   -15.138 -3.393  1.00 0.87 ? 9  DC  A "C5'"  1 
ATOM   255 C "C4'"  . DC  A 1 9  ? 1.325   -15.254 -3.789  1.00 0.61 ? 9  DC  A "C4'"  1 
ATOM   256 O "O4'"  . DC  A 1 9  ? 0.687   -13.960 -3.834  1.00 0.50 ? 9  DC  A "O4'"  1 
ATOM   257 C "C3'"  . DC  A 1 9  ? 1.171   -15.887 -5.166  1.00 0.68 ? 9  DC  A "C3'"  1 
ATOM   258 O "O3'"  . DC  A 1 9  ? 0.805   -17.274 -5.058  1.00 0.79 ? 9  DC  A "O3'"  1 
ATOM   259 C "C2'"  . DC  A 1 9  ? 0.102   -15.072 -5.860  1.00 0.65 ? 9  DC  A "C2'"  1 
ATOM   260 C "C1'"  . DC  A 1 9  ? -0.263  -13.937 -4.918  1.00 0.49 ? 9  DC  A "C1'"  1 
ATOM   261 N N1     . DC  A 1 9  ? -0.244  -12.638 -5.625  1.00 0.43 ? 9  DC  A N1     1 
ATOM   262 C C2     . DC  A 1 9  ? -1.452  -11.975 -5.780  1.00 0.42 ? 9  DC  A C2     1 
ATOM   263 O O2     . DC  A 1 9  ? -2.486  -12.452 -5.321  1.00 0.45 ? 9  DC  A O2     1 
ATOM   264 N N3     . DC  A 1 9  ? -1.457  -10.791 -6.449  1.00 0.39 ? 9  DC  A N3     1 
ATOM   265 C C4     . DC  A 1 9  ? -0.327  -10.276 -6.947  1.00 0.38 ? 9  DC  A C4     1 
ATOM   266 N N4     . DC  A 1 9  ? -0.375  -9.114  -7.598  1.00 0.38 ? 9  DC  A N4     1 
ATOM   267 C C5     . DC  A 1 9  ? 0.923   -10.954 -6.789  1.00 0.40 ? 9  DC  A C5     1 
ATOM   268 C C6     . DC  A 1 9  ? 0.919   -12.126 -6.125  1.00 0.42 ? 9  DC  A C6     1 
ATOM   269 H "H5'"  . DC  A 1 9  ? 2.869   -14.545 -2.482  1.00 1.48 ? 9  DC  A "H5'"  1 
ATOM   270 H "H5''" . DC  A 1 9  ? 3.188   -16.136 -3.201  1.00 1.43 ? 9  DC  A "H5''" 1 
ATOM   271 H "H4'"  . DC  A 1 9  ? 0.809   -15.874 -3.057  1.00 0.65 ? 9  DC  A "H4'"  1 
ATOM   272 H "H3'"  . DC  A 1 9  ? 2.109   -15.790 -5.717  1.00 0.80 ? 9  DC  A "H3'"  1 
ATOM   273 H "H2'"  . DC  A 1 9  ? 0.493   -14.671 -6.795  1.00 0.76 ? 9  DC  A "H2'"  1 
ATOM   274 H "H2''" . DC  A 1 9  ? -0.775  -15.687 -6.056  1.00 0.76 ? 9  DC  A "H2''" 1 
ATOM   275 H "H1'"  . DC  A 1 9  ? -1.262  -14.112 -4.520  1.00 0.59 ? 9  DC  A "H1'"  1 
ATOM   276 H H41    . DC  A 1 9  ? -1.258  -8.635  -7.710  1.00 0.39 ? 9  DC  A H41    1 
ATOM   277 H H42    . DC  A 1 9  ? 0.471   -8.713  -7.977  1.00 0.40 ? 9  DC  A H42    1 
ATOM   278 H H5     . DC  A 1 9  ? 1.846   -10.536 -7.192  1.00 0.42 ? 9  DC  A H5     1 
ATOM   279 H H6     . DC  A 1 9  ? 1.853   -12.671 -5.986  1.00 0.47 ? 9  DC  A H6     1 
ATOM   280 P P      . DC  A 1 10 ? 0.076   -18.049 -6.274  1.00 1.13 ? 10 DC  A P      1 
ATOM   281 O OP1    . DC  A 1 10 ? 0.278   -19.503 -6.085  1.00 1.94 ? 10 DC  A OP1    1 
ATOM   282 O OP2    . DC  A 1 10 ? 0.477   -17.407 -7.548  1.00 1.87 ? 10 DC  A OP2    1 
ATOM   283 O "O5'"  . DC  A 1 10 ? -1.475  -17.712 -5.999  1.00 1.20 ? 10 DC  A "O5'"  1 
ATOM   284 C "C5'"  . DC  A 1 10 ? -2.412  -17.575 -7.072  1.00 1.39 ? 10 DC  A "C5'"  1 
ATOM   285 C "C4'"  . DC  A 1 10 ? -3.504  -16.566 -6.722  1.00 1.26 ? 10 DC  A "C4'"  1 
ATOM   286 O "O4'"  . DC  A 1 10 ? -2.960  -15.231 -6.629  1.00 0.94 ? 10 DC  A "O4'"  1 
ATOM   287 C "C3'"  . DC  A 1 10 ? -4.603  -16.553 -7.776  1.00 1.47 ? 10 DC  A "C3'"  1 
ATOM   288 O "O3'"  . DC  A 1 10 ? -5.801  -17.153 -7.274  1.00 1.77 ? 10 DC  A "O3'"  1 
ATOM   289 C "C2'"  . DC  A 1 10 ? -4.829  -15.101 -8.116  1.00 1.21 ? 10 DC  A "C2'"  1 
ATOM   290 C "C1'"  . DC  A 1 10 ? -3.828  -14.294 -7.303  1.00 0.90 ? 10 DC  A "C1'"  1 
ATOM   291 N N1     . DC  A 1 10 ? -3.057  -13.374 -8.173  1.00 0.89 ? 10 DC  A N1     1 
ATOM   292 C C2     . DC  A 1 10 ? -3.707  -12.240 -8.647  1.00 0.92 ? 10 DC  A C2     1 
ATOM   293 O O2     . DC  A 1 10 ? -4.878  -12.021 -8.343  1.00 0.85 ? 10 DC  A O2     1 
ATOM   294 N N3     . DC  A 1 10 ? -3.016  -11.389 -9.451  1.00 1.14 ? 10 DC  A N3     1 
ATOM   295 C C4     . DC  A 1 10 ? -1.743  -11.631 -9.783  1.00 1.34 ? 10 DC  A C4     1 
ATOM   296 N N4     . DC  A 1 10 ? -1.102  -10.774 -10.578 1.00 1.68 ? 10 DC  A N4     1 
ATOM   297 C C5     . DC  A 1 10 ? -1.067  -12.796 -9.299  1.00 1.26 ? 10 DC  A C5     1 
ATOM   298 C C6     . DC  A 1 10 ? -1.757  -13.636 -8.503  1.00 1.02 ? 10 DC  A C6     1 
ATOM   299 H "H5'"  . DC  A 1 10 ? -2.871  -18.545 -7.268  1.00 1.72 ? 10 DC  A "H5'"  1 
ATOM   300 H "H5''" . DC  A 1 10 ? -1.889  -17.241 -7.968  1.00 1.44 ? 10 DC  A "H5''" 1 
ATOM   301 H "H4'"  . DC  A 1 10 ? -3.941  -16.836 -5.761  1.00 1.36 ? 10 DC  A "H4'"  1 
ATOM   302 H "H3'"  . DC  A 1 10 ? -4.263  -17.084 -8.667  1.00 1.67 ? 10 DC  A "H3'"  1 
ATOM   303 H "HO3'" . DC  A 1 10 ? -5.558  -18.000 -6.891  1.00 2.10 ? 10 DC  A "HO3'" 1 
ATOM   304 H "H2'"  . DC  A 1 10 ? -4.661  -14.939 -9.181  1.00 1.34 ? 10 DC  A "H2'"  1 
ATOM   305 H "H2''" . DC  A 1 10 ? -5.845  -14.809 -7.852  1.00 1.22 ? 10 DC  A "H2''" 1 
ATOM   306 H "H1'"  . DC  A 1 10 ? -4.366  -13.710 -6.557  1.00 0.86 ? 10 DC  A "H1'"  1 
ATOM   307 H H41    . DC  A 1 10 ? -1.578  -9.951  -10.921 1.00 1.76 ? 10 DC  A H41    1 
ATOM   308 H H42    . DC  A 1 10 ? -0.141  -10.947 -10.838 1.00 1.87 ? 10 DC  A H42    1 
ATOM   309 H H5     . DC  A 1 10 ? -0.029  -12.997 -9.568  1.00 1.45 ? 10 DC  A H5     1 
ATOM   310 H H6     . DC  A 1 10 ? -1.271  -14.532 -8.115  1.00 0.99 ? 10 DC  A H6     1 
ATOM   311 O "O5'"  . DG  B 2 1  ? -6.702  -4.364  -9.261  1.00 2.26 ? 11 DG  B "O5'"  1 
ATOM   312 C "C5'"  . DG  B 2 1  ? -7.756  -3.427  -9.504  1.00 2.02 ? 11 DG  B "C5'"  1 
ATOM   313 C "C4'"  . DG  B 2 1  ? -8.726  -3.932  -10.570 1.00 1.69 ? 11 DG  B "C4'"  1 
ATOM   314 O "O4'"  . DG  B 2 1  ? -8.029  -4.188  -11.808 1.00 1.76 ? 11 DG  B "O4'"  1 
ATOM   315 C "C3'"  . DG  B 2 1  ? -9.393  -5.225  -10.123 1.00 1.46 ? 11 DG  B "C3'"  1 
ATOM   316 O "O3'"  . DG  B 2 1  ? -10.820 -5.103  -10.155 1.00 1.50 ? 11 DG  B "O3'"  1 
ATOM   317 C "C2'"  . DG  B 2 1  ? -8.927  -6.287  -11.083 1.00 1.41 ? 11 DG  B "C2'"  1 
ATOM   318 C "C1'"  . DG  B 2 1  ? -8.049  -5.597  -12.118 1.00 1.56 ? 11 DG  B "C1'"  1 
ATOM   319 N N9     . DG  B 2 1  ? -6.670  -6.144  -12.126 1.00 1.63 ? 11 DG  B N9     1 
ATOM   320 C C8     . DG  B 2 1  ? -5.579  -5.701  -12.801 1.00 1.94 ? 11 DG  B C8     1 
ATOM   321 N N7     . DG  B 2 1  ? -4.476  -6.356  -12.656 1.00 2.00 ? 11 DG  B N7     1 
ATOM   322 C C5     . DG  B 2 1  ? -4.860  -7.370  -11.776 1.00 1.67 ? 11 DG  B C5     1 
ATOM   323 C C6     . DG  B 2 1  ? -4.092  -8.432  -11.224 1.00 1.57 ? 11 DG  B C6     1 
ATOM   324 O O6     . DG  B 2 1  ? -2.904  -8.689  -11.405 1.00 1.77 ? 11 DG  B O6     1 
ATOM   325 N N1     . DG  B 2 1  ? -4.857  -9.230  -10.384 1.00 1.25 ? 11 DG  B N1     1 
ATOM   326 C C2     . DG  B 2 1  ? -6.195  -9.039  -10.105 1.00 1.09 ? 11 DG  B C2     1 
ATOM   327 N N2     . DG  B 2 1  ? -6.755  -9.909  -9.265  1.00 0.93 ? 11 DG  B N2     1 
ATOM   328 N N3     . DG  B 2 1  ? -6.924  -8.044  -10.620 1.00 1.18 ? 11 DG  B N3     1 
ATOM   329 C C4     . DG  B 2 1  ? -6.200  -7.250  -11.444 1.00 1.45 ? 11 DG  B C4     1 
ATOM   330 H "H5'"  . DG  B 2 1  ? -7.322  -2.484  -9.838  1.00 2.56 ? 11 DG  B "H5'"  1 
ATOM   331 H "H5''" . DG  B 2 1  ? -8.303  -3.258  -8.576  1.00 2.10 ? 11 DG  B "H5''" 1 
ATOM   332 H "H4'"  . DG  B 2 1  ? -9.491  -3.176  -10.743 1.00 1.82 ? 11 DG  B "H4'"  1 
ATOM   333 H "H3'"  . DG  B 2 1  ? -9.065  -5.477  -9.113  1.00 1.61 ? 11 DG  B "H3'"  1 
ATOM   334 H "H2'"  . DG  B 2 1  ? -8.356  -7.045  -10.547 1.00 1.45 ? 11 DG  B "H2'"  1 
ATOM   335 H "H2''" . DG  B 2 1  ? -9.787  -6.747  -11.572 1.00 1.54 ? 11 DG  B "H2''" 1 
ATOM   336 H "H1'"  . DG  B 2 1  ? -8.490  -5.736  -13.105 1.00 1.73 ? 11 DG  B "H1'"  1 
ATOM   337 H H8     . DG  B 2 1  ? -5.632  -4.821  -13.442 1.00 2.17 ? 11 DG  B H8     1 
ATOM   338 H H1     . DG  B 2 1  ? -4.372  -10.005 -9.957  1.00 1.19 ? 11 DG  B H1     1 
ATOM   339 H H21    . DG  B 2 1  ? -6.204  -10.662 -8.877  1.00 0.90 ? 11 DG  B H21    1 
ATOM   340 H H22    . DG  B 2 1  ? -7.729  -9.817  -9.017  1.00 0.93 ? 11 DG  B H22    1 
ATOM   341 H "HO5'" . DG  B 2 1  ? -6.988  -5.215  -9.602  1.00 2.39 ? 11 DG  B "HO5'" 1 
ATOM   342 P P      . DG  B 2 2  ? -11.629 -4.625  -8.848  1.00 1.88 ? 12 DG  B P      1 
ATOM   343 O OP1    . DG  B 2 2  ? -13.077 -4.798  -9.111  1.00 2.09 ? 12 DG  B OP1    1 
ATOM   344 O OP2    . DG  B 2 2  ? -11.109 -3.302  -8.436  1.00 2.99 ? 12 DG  B OP2    1 
ATOM   345 O "O5'"  . DG  B 2 2  ? -11.178 -5.710  -7.745  1.00 1.63 ? 12 DG  B "O5'"  1 
ATOM   346 C "C5'"  . DG  B 2 2  ? -11.995 -6.849  -7.460  1.00 1.13 ? 12 DG  B "C5'"  1 
ATOM   347 C "C4'"  . DG  B 2 2  ? -11.346 -7.762  -6.424  1.00 0.92 ? 12 DG  B "C4'"  1 
ATOM   348 O "O4'"  . DG  B 2 2  ? -10.136 -8.357  -6.940  1.00 0.81 ? 12 DG  B "O4'"  1 
ATOM   349 C "C3'"  . DG  B 2 2  ? -10.980 -6.984  -5.161  1.00 0.89 ? 12 DG  B "C3'"  1 
ATOM   350 O "O3'"  . DG  B 2 2  ? -11.836 -7.321  -4.054  1.00 0.91 ? 12 DG  B "O3'"  1 
ATOM   351 C "C2'"  . DG  B 2 2  ? -9.542  -7.337  -4.869  1.00 0.73 ? 12 DG  B "C2'"  1 
ATOM   352 C "C1'"  . DG  B 2 2  ? -9.128  -8.362  -5.911  1.00 0.66 ? 12 DG  B "C1'"  1 
ATOM   353 N N9     . DG  B 2 2  ? -7.794  -8.051  -6.462  1.00 0.60 ? 12 DG  B N9     1 
ATOM   354 C C8     . DG  B 2 2  ? -7.369  -6.966  -7.158  1.00 0.62 ? 12 DG  B C8     1 
ATOM   355 N N7     . DG  B 2 2  ? -6.128  -6.933  -7.518  1.00 0.57 ? 12 DG  B N7     1 
ATOM   356 C C5     . DG  B 2 2  ? -5.652  -8.144  -7.006  1.00 0.50 ? 12 DG  B C5     1 
ATOM   357 C C6     . DG  B 2 2  ? -4.350  -8.711  -7.065  1.00 0.44 ? 12 DG  B C6     1 
ATOM   358 O O6     . DG  B 2 2  ? -3.338  -8.249  -7.589  1.00 0.43 ? 12 DG  B O6     1 
ATOM   359 N N1     . DG  B 2 2  ? -4.300  -9.941  -6.423  1.00 0.41 ? 12 DG  B N1     1 
ATOM   360 C C2     . DG  B 2 2  ? -5.368  -10.558 -5.800  1.00 0.44 ? 12 DG  B C2     1 
ATOM   361 N N2     . DG  B 2 2  ? -5.126  -11.741 -5.238  1.00 0.45 ? 12 DG  B N2     1 
ATOM   362 N N3     . DG  B 2 2  ? -6.594  -10.033 -5.741  1.00 0.49 ? 12 DG  B N3     1 
ATOM   363 C C4     . DG  B 2 2  ? -6.667  -8.833  -6.359  1.00 0.52 ? 12 DG  B C4     1 
ATOM   364 H "H5'"  . DG  B 2 2  ? -12.156 -7.413  -8.379  1.00 1.21 ? 12 DG  B "H5'"  1 
ATOM   365 H "H5''" . DG  B 2 2  ? -12.958 -6.508  -7.079  1.00 1.37 ? 12 DG  B "H5''" 1 
ATOM   366 H "H4'"  . DG  B 2 2  ? -12.046 -8.556  -6.164  1.00 0.92 ? 12 DG  B "H4'"  1 
ATOM   367 H "H3'"  . DG  B 2 2  ? -11.047 -5.913  -5.368  1.00 1.02 ? 12 DG  B "H3'"  1 
ATOM   368 H "H2'"  . DG  B 2 2  ? -8.919  -6.447  -4.953  1.00 0.77 ? 12 DG  B "H2'"  1 
ATOM   369 H "H2''" . DG  B 2 2  ? -9.455  -7.761  -3.869  1.00 0.69 ? 12 DG  B "H2''" 1 
ATOM   370 H "H1'"  . DG  B 2 2  ? -9.099  -9.348  -5.446  1.00 0.59 ? 12 DG  B "H1'"  1 
ATOM   371 H H8     . DG  B 2 2  ? -8.049  -6.150  -7.401  1.00 0.70 ? 12 DG  B H8     1 
ATOM   372 H H1     . DG  B 2 2  ? -3.401  -10.398 -6.419  1.00 0.40 ? 12 DG  B H1     1 
ATOM   373 H H21    . DG  B 2 2  ? -4.198  -12.140 -5.280  1.00 0.44 ? 12 DG  B H21    1 
ATOM   374 H H22    . DG  B 2 2  ? -5.869  -12.238 -4.768  1.00 0.49 ? 12 DG  B H22    1 
ATOM   375 P P      . DA  B 2 3  ? -12.106 -8.851  -3.606  1.00 0.95 ? 13 DA  B P      1 
ATOM   376 O OP1    . DA  B 2 3  ? -12.557 -9.614  -4.792  1.00 1.50 ? 13 DA  B OP1    1 
ATOM   377 O OP2    . DA  B 2 3  ? -12.943 -8.829  -2.387  1.00 1.88 ? 13 DA  B OP2    1 
ATOM   378 O "O5'"  . DA  B 2 3  ? -10.640 -9.381  -3.193  1.00 0.81 ? 13 DA  B "O5'"  1 
ATOM   379 C "C5'"  . DA  B 2 3  ? -10.445 -10.764 -2.884  1.00 0.80 ? 13 DA  B "C5'"  1 
ATOM   380 C "C4'"  . DA  B 2 3  ? -9.145  -11.009 -2.120  1.00 0.70 ? 13 DA  B "C4'"  1 
ATOM   381 O "O4'"  . DA  B 2 3  ? -7.991  -10.687 -2.925  1.00 0.60 ? 13 DA  B "O4'"  1 
ATOM   382 C "C3'"  . DA  B 2 3  ? -9.076  -10.162 -0.854  1.00 0.69 ? 13 DA  B "C3'"  1 
ATOM   383 O "O3'"  . DA  B 2 3  ? -9.252  -10.976 0.315   1.00 0.74 ? 13 DA  B "O3'"  1 
ATOM   384 C "C2'"  . DA  B 2 3  ? -7.706  -9.523  -0.878  1.00 0.61 ? 13 DA  B "C2'"  1 
ATOM   385 C "C1'"  . DA  B 2 3  ? -6.982  -10.114 -2.075  1.00 0.54 ? 13 DA  B "C1'"  1 
ATOM   386 N N9     . DA  B 2 3  ? -6.183  -9.096  -2.789  1.00 0.48 ? 13 DA  B N9     1 
ATOM   387 C C8     . DA  B 2 3  ? -6.548  -7.895  -3.304  1.00 0.48 ? 13 DA  B C8     1 
ATOM   388 N N7     . DA  B 2 3  ? -5.637  -7.199  -3.898  1.00 0.44 ? 13 DA  B N7     1 
ATOM   389 C C5     . DA  B 2 3  ? -4.519  -8.030  -3.768  1.00 0.39 ? 13 DA  B C5     1 
ATOM   390 C C6     . DA  B 2 3  ? -3.188  -7.903  -4.181  1.00 0.34 ? 13 DA  B C6     1 
ATOM   391 N N6     . DA  B 2 3  ? -2.727  -6.848  -4.855  1.00 0.32 ? 13 DA  B N6     1 
ATOM   392 N N1     . DA  B 2 3  ? -2.351  -8.911  -3.885  1.00 0.32 ? 13 DA  B N1     1 
ATOM   393 C C2     . DA  B 2 3  ? -2.790  -9.983  -3.223  1.00 0.36 ? 13 DA  B C2     1 
ATOM   394 N N3     . DA  B 2 3  ? -4.024  -10.205 -2.786  1.00 0.41 ? 13 DA  B N3     1 
ATOM   395 C C4     . DA  B 2 3  ? -4.844  -9.183  -3.094  1.00 0.42 ? 13 DA  B C4     1 
ATOM   396 H "H5'"  . DA  B 2 3  ? -10.422 -11.335 -3.812  1.00 0.83 ? 13 DA  B "H5'"  1 
ATOM   397 H "H5''" . DA  B 2 3  ? -11.281 -11.111 -2.275  1.00 0.89 ? 13 DA  B "H5''" 1 
ATOM   398 H "H4'"  . DA  B 2 3  ? -9.093  -12.061 -1.841  1.00 0.74 ? 13 DA  B "H4'"  1 
ATOM   399 H "H3'"  . DA  B 2 3  ? -9.840  -9.383  -0.891  1.00 0.73 ? 13 DA  B "H3'"  1 
ATOM   400 H "H2'"  . DA  B 2 3  ? -7.804  -8.445  -0.998  1.00 0.62 ? 13 DA  B "H2'"  1 
ATOM   401 H "H2''" . DA  B 2 3  ? -7.164  -9.751  0.039   1.00 0.61 ? 13 DA  B "H2''" 1 
ATOM   402 H "H1'"  . DA  B 2 3  ? -6.319  -10.908 -1.729  1.00 0.53 ? 13 DA  B "H1'"  1 
ATOM   403 H H8     . DA  B 2 3  ? -7.570  -7.529  -3.215  1.00 0.54 ? 13 DA  B H8     1 
ATOM   404 H H61    . DA  B 2 3  ? -1.756  -6.810  -5.130  1.00 0.30 ? 13 DA  B H61    1 
ATOM   405 H H62    . DA  B 2 3  ? -3.349  -6.089  -5.092  1.00 0.35 ? 13 DA  B H62    1 
ATOM   406 H H2     . DA  B 2 3  ? -2.055  -10.761 -3.017  1.00 0.37 ? 13 DA  B H2     1 
ATOM   407 P P      . DT  B 2 4  ? -9.231  -10.329 1.792   1.00 0.77 ? 14 DT  B P      1 
ATOM   408 O OP1    . DT  B 2 4  ? -10.058 -11.175 2.682   1.00 1.21 ? 14 DT  B OP1    1 
ATOM   409 O OP2    . DT  B 2 4  ? -9.522  -8.882  1.672   1.00 1.75 ? 14 DT  B OP2    1 
ATOM   410 O "O5'"  . DT  B 2 4  ? -7.687  -10.489 2.230   1.00 0.77 ? 14 DT  B "O5'"  1 
ATOM   411 C "C5'"  . DT  B 2 4  ? -7.129  -11.776 2.522   1.00 0.77 ? 14 DT  B "C5'"  1 
ATOM   412 C "C4'"  . DT  B 2 4  ? -5.601  -11.744 2.516   1.00 0.55 ? 14 DT  B "C4'"  1 
ATOM   413 O "O4'"  . DT  B 2 4  ? -5.112  -11.203 1.269   1.00 0.48 ? 14 DT  B "O4'"  1 
ATOM   414 C "C3'"  . DT  B 2 4  ? -5.044  -10.876 3.650   1.00 0.51 ? 14 DT  B "C3'"  1 
ATOM   415 O "O3'"  . DT  B 2 4  ? -4.358  -11.677 4.633   1.00 0.50 ? 14 DT  B "O3'"  1 
ATOM   416 C "C2'"  . DT  B 2 4  ? -4.090  -9.917  2.982   1.00 0.50 ? 14 DT  B "C2'"  1 
ATOM   417 C "C1'"  . DT  B 2 4  ? -3.973  -10.370 1.543   1.00 0.44 ? 14 DT  B "C1'"  1 
ATOM   418 N N1     . DT  B 2 4  ? -3.886  -9.211  0.633   1.00 0.41 ? 14 DT  B N1     1 
ATOM   419 C C2     . DT  B 2 4  ? -2.687  -9.028  -0.027  1.00 0.35 ? 14 DT  B C2     1 
ATOM   420 O O2     . DT  B 2 4  ? -1.747  -9.811  0.092   1.00 0.33 ? 14 DT  B O2     1 
ATOM   421 N N3     . DT  B 2 4  ? -2.601  -7.913  -0.829  1.00 0.33 ? 14 DT  B N3     1 
ATOM   422 C C4     . DT  B 2 4  ? -3.592  -6.973  -1.032  1.00 0.36 ? 14 DT  B C4     1 
ATOM   423 O O4     . DT  B 2 4  ? -3.394  -6.011  -1.770  1.00 0.35 ? 14 DT  B O4     1 
ATOM   424 C C5     . DT  B 2 4  ? -4.813  -7.240  -0.306  1.00 0.42 ? 14 DT  B C5     1 
ATOM   425 C C7     . DT  B 2 4  ? -5.977  -6.257  -0.415  1.00 0.48 ? 14 DT  B C7     1 
ATOM   426 C C6     . DT  B 2 4  ? -4.927  -8.328  0.487   1.00 0.44 ? 14 DT  B C6     1 
ATOM   427 H "H5'"  . DT  B 2 4  ? -7.466  -12.491 1.770   1.00 1.43 ? 14 DT  B "H5'"  1 
ATOM   428 H "H5''" . DT  B 2 4  ? -7.476  -12.103 3.503   1.00 1.40 ? 14 DT  B "H5''" 1 
ATOM   429 H "H4'"  . DT  B 2 4  ? -5.225  -12.758 2.630   1.00 0.64 ? 14 DT  B "H4'"  1 
ATOM   430 H "H3'"  . DT  B 2 4  ? -5.853  -10.316 4.116   1.00 0.62 ? 14 DT  B "H3'"  1 
ATOM   431 H "H2'"  . DT  B 2 4  ? -4.489  -8.900  3.024   1.00 0.58 ? 14 DT  B "H2'"  1 
ATOM   432 H "H2''" . DT  B 2 4  ? -3.117  -9.955  3.460   1.00 0.57 ? 14 DT  B "H2''" 1 
ATOM   433 H "H1'"  . DT  B 2 4  ? -3.069  -10.969 1.440   1.00 0.49 ? 14 DT  B "H1'"  1 
ATOM   434 H H3     . DT  B 2 4  ? -1.721  -7.757  -1.299  1.00 0.30 ? 14 DT  B H3     1 
ATOM   435 H H71    . DT  B 2 4  ? -6.915  -6.806  -0.493  1.00 1.14 ? 14 DT  B H71    1 
ATOM   436 H H72    . DT  B 2 4  ? -5.846  -5.636  -1.301  1.00 1.07 ? 14 DT  B H72    1 
ATOM   437 H H73    . DT  B 2 4  ? -6.001  -5.624  0.472   1.00 1.09 ? 14 DT  B H73    1 
ATOM   438 H H6     . DT  B 2 4  ? -5.861  -8.509  1.019   1.00 0.50 ? 14 DT  B H6     1 
ATOM   439 P P      . DC  B 2 5  ? -4.149  -11.145 6.152   1.00 0.54 ? 15 DC  B P      1 
ATOM   440 O OP1    . DC  B 2 5  ? -4.642  -12.188 7.077   1.00 1.57 ? 15 DC  B OP1    1 
ATOM   441 O OP2    . DC  B 2 5  ? -4.690  -9.772  6.241   1.00 1.21 ? 15 DC  B OP2    1 
ATOM   442 O "O5'"  . DC  B 2 5  ? -2.542  -11.056 6.317   1.00 0.52 ? 15 DC  B "O5'"  1 
ATOM   443 C "C5'"  . DC  B 2 5  ? -1.750  -10.369 5.343   1.00 0.47 ? 15 DC  B "C5'"  1 
ATOM   444 C "C4'"  . DC  B 2 5  ? -0.412  -9.874  5.897   1.00 0.43 ? 15 DC  B "C4'"  1 
ATOM   445 O "O4'"  . DC  B 2 5  ? 0.396   -9.343  4.827   1.00 0.40 ? 15 DC  B "O4'"  1 
ATOM   446 C "C3'"  . DC  B 2 5  ? -0.618  -8.763  6.921   1.00 0.43 ? 15 DC  B "C3'"  1 
ATOM   447 O "O3'"  . DC  B 2 5  ? 0.112   -9.026  8.129   1.00 0.46 ? 15 DC  B "O3'"  1 
ATOM   448 C "C2'"  . DC  B 2 5  ? -0.118  -7.499  6.264   1.00 0.40 ? 15 DC  B "C2'"  1 
ATOM   449 C "C1'"  . DC  B 2 5  ? 0.506   -7.908  4.940   1.00 0.37 ? 15 DC  B "C1'"  1 
ATOM   450 N N1     . DC  B 2 5  ? -0.162  -7.237  3.796   1.00 0.36 ? 15 DC  B N1     1 
ATOM   451 C C2     . DC  B 2 5  ? 0.647   -6.657  2.827   1.00 0.34 ? 15 DC  B C2     1 
ATOM   452 O O2     . DC  B 2 5  ? 1.869   -6.659  2.959   1.00 0.37 ? 15 DC  B O2     1 
ATOM   453 N N3     . DC  B 2 5  ? 0.051   -6.078  1.749   1.00 0.34 ? 15 DC  B N3     1 
ATOM   454 C C4     . DC  B 2 5  ? -1.280  -6.064  1.620   1.00 0.35 ? 15 DC  B C4     1 
ATOM   455 N N4     . DC  B 2 5  ? -1.827  -5.493  0.544   1.00 0.36 ? 15 DC  B N4     1 
ATOM   456 C C5     . DC  B 2 5  ? -2.121  -6.652  2.613   1.00 0.40 ? 15 DC  B C5     1 
ATOM   457 C C6     . DC  B 2 5  ? -1.525  -7.222  3.680   1.00 0.40 ? 15 DC  B C6     1 
ATOM   458 H "H5'"  . DC  B 2 5  ? -2.311  -9.512  4.980   1.00 0.47 ? 15 DC  B "H5'"  1 
ATOM   459 H "H5''" . DC  B 2 5  ? -1.556  -11.046 4.510   1.00 0.48 ? 15 DC  B "H5''" 1 
ATOM   460 H "H4'"  . DC  B 2 5  ? 0.117   -10.702 6.366   1.00 0.45 ? 15 DC  B "H4'"  1 
ATOM   461 H "H3'"  . DC  B 2 5  ? -1.681  -8.664  7.144   1.00 0.46 ? 15 DC  B "H3'"  1 
ATOM   462 H "H2'"  . DC  B 2 5  ? -0.947  -6.812  6.098   1.00 0.43 ? 15 DC  B "H2'"  1 
ATOM   463 H "H2''" . DC  B 2 5  ? 0.635   -7.026  6.894   1.00 0.41 ? 15 DC  B "H2''" 1 
ATOM   464 H "H1'"  . DC  B 2 5  ? 1.559   -7.634  4.945   1.00 0.37 ? 15 DC  B "H1'"  1 
ATOM   465 H H41    . DC  B 2 5  ? -1.236  -5.080  -0.165  1.00 0.35 ? 15 DC  B H41    1 
ATOM   466 H H42    . DC  B 2 5  ? -2.831  -5.477  0.435   1.00 0.40 ? 15 DC  B H42    1 
ATOM   467 H H5     . DC  B 2 5  ? -3.205  -6.647  2.510   1.00 0.46 ? 15 DC  B H5     1 
ATOM   468 H H6     . DC  B 2 5  ? -2.140  -7.659  4.468   1.00 0.46 ? 15 DC  B H6     1 
ATOM   469 P P      . DA  B 2 6  ? 0.212   -7.907  9.290   1.00 0.99 ? 16 DA  B P      1 
ATOM   470 O OP1    . DA  B 2 6  ? 0.498   -8.588  10.571  1.00 1.53 ? 16 DA  B OP1    1 
ATOM   471 O OP2    . DA  B 2 6  ? -0.968  -7.019  9.175   1.00 2.14 ? 16 DA  B OP2    1 
ATOM   472 O "O5'"  . DA  B 2 6  ? 1.520   -7.064  8.861   1.00 0.74 ? 16 DA  B "O5'"  1 
ATOM   473 C "C5'"  . DA  B 2 6  ? 1.546   -5.635  8.978   1.00 1.08 ? 16 DA  B "C5'"  1 
ATOM   474 C "C4'"  . DA  B 2 6  ? 2.580   -5.013  8.043   1.00 0.76 ? 16 DA  B "C4'"  1 
ATOM   475 O "O4'"  . DA  B 2 6  ? 2.241   -5.277  6.665   1.00 0.55 ? 16 DA  B "O4'"  1 
ATOM   476 C "C3'"  . DA  B 2 6  ? 2.645   -3.504  8.239   1.00 0.69 ? 16 DA  B "C3'"  1 
ATOM   477 O "O3'"  . DA  B 2 6  ? 3.947   -3.097  8.677   1.00 0.67 ? 16 DA  B "O3'"  1 
ATOM   478 C "C2'"  . DA  B 2 6  ? 2.315   -2.894  6.902   1.00 0.54 ? 16 DA  B "C2'"  1 
ATOM   479 C "C1'"  . DA  B 2 6  ? 2.119   -4.042  5.928   1.00 0.44 ? 16 DA  B "C1'"  1 
ATOM   480 N N9     . DA  B 2 6  ? 0.802   -3.947  5.273   1.00 0.42 ? 16 DA  B N9     1 
ATOM   481 C C8     . DA  B 2 6  ? -0.436  -4.195  5.770   1.00 0.44 ? 16 DA  B C8     1 
ATOM   482 N N7     . DA  B 2 6  ? -1.440  -4.026  4.979   1.00 0.44 ? 16 DA  B N7     1 
ATOM   483 C C5     . DA  B 2 6  ? -0.806  -3.611  3.804   1.00 0.40 ? 16 DA  B C5     1 
ATOM   484 C C6     . DA  B 2 6  ? -1.288  -3.255  2.542   1.00 0.39 ? 16 DA  B C6     1 
ATOM   485 N N6     . DA  B 2 6  ? -2.584  -3.254  2.228   1.00 0.42 ? 16 DA  B N6     1 
ATOM   486 N N1     . DA  B 2 6  ? -0.385  -2.898  1.615   1.00 0.37 ? 16 DA  B N1     1 
ATOM   487 C C2     . DA  B 2 6  ? 0.917   -2.888  1.909   1.00 0.38 ? 16 DA  B C2     1 
ATOM   488 N N3     . DA  B 2 6  ? 1.482   -3.207  3.066   1.00 0.39 ? 16 DA  B N3     1 
ATOM   489 C C4     . DA  B 2 6  ? 0.558   -3.562  3.977   1.00 0.39 ? 16 DA  B C4     1 
ATOM   490 H "H5'"  . DA  B 2 6  ? 1.789   -5.366  10.007  1.00 1.64 ? 16 DA  B "H5'"  1 
ATOM   491 H "H5''" . DA  B 2 6  ? 0.560   -5.239  8.731   1.00 1.48 ? 16 DA  B "H5''" 1 
ATOM   492 H "H4'"  . DA  B 2 6  ? 3.559   -5.443  8.257   1.00 0.86 ? 16 DA  B "H4'"  1 
ATOM   493 H "H3'"  . DA  B 2 6  ? 1.894   -3.198  8.971   1.00 0.86 ? 16 DA  B "H3'"  1 
ATOM   494 H "H2'"  . DA  B 2 6  ? 1.397   -2.311  6.979   1.00 0.64 ? 16 DA  B "H2'"  1 
ATOM   495 H "H2''" . DA  B 2 6  ? 3.134   -2.258  6.570   1.00 0.51 ? 16 DA  B "H2''" 1 
ATOM   496 H "H1'"  . DA  B 2 6  ? 2.899   -4.001  5.167   1.00 0.41 ? 16 DA  B "H1'"  1 
ATOM   497 H H8     . DA  B 2 6  ? -0.576  -4.522  6.800   1.00 0.48 ? 16 DA  B H8     1 
ATOM   498 H H61    . DA  B 2 6  ? -2.878  -2.986  1.301   1.00 0.42 ? 16 DA  B H61    1 
ATOM   499 H H62    . DA  B 2 6  ? -3.270  -3.521  2.920   1.00 0.45 ? 16 DA  B H62    1 
ATOM   500 H H2     . DA  B 2 6  ? 1.591   -2.571  1.113   1.00 0.39 ? 16 DA  B H2     1 
ATOM   501 P P      . DG  B 2 7  ? 4.108   -2.107  9.938   1.00 1.00 ? 17 DG  B P      1 
ATOM   502 O OP1    . DG  B 2 7  ? 4.165   -2.932  11.166  1.00 1.82 ? 17 DG  B OP1    1 
ATOM   503 O OP2    . DG  B 2 7  ? 3.093   -1.037  9.816   1.00 2.05 ? 17 DG  B OP2    1 
ATOM   504 O "O5'"  . DG  B 2 7  ? 5.560   -1.452  9.701   1.00 0.55 ? 17 DG  B "O5'"  1 
ATOM   505 C "C5'"  . DG  B 2 7  ? 5.849   -0.145  10.207  1.00 0.44 ? 17 DG  B "C5'"  1 
ATOM   506 C "C4'"  . DG  B 2 7  ? 6.797   0.621   9.289   1.00 0.38 ? 17 DG  B "C4'"  1 
ATOM   507 O "O4'"  . DG  B 2 7  ? 6.272   0.673   7.942   1.00 0.38 ? 17 DG  B "O4'"  1 
ATOM   508 C "C3'"  . DG  B 2 7  ? 6.981   2.052   9.783   1.00 0.40 ? 17 DG  B "C3'"  1 
ATOM   509 O "O3'"  . DG  B 2 7  ? 8.365   2.352   10.042  1.00 0.46 ? 17 DG  B "O3'"  1 
ATOM   510 C "C2'"  . DG  B 2 7  ? 6.426   2.935   8.694   1.00 0.38 ? 17 DG  B "C2'"  1 
ATOM   511 C "C1'"  . DG  B 2 7  ? 6.194   2.041   7.489   1.00 0.35 ? 17 DG  B "C1'"  1 
ATOM   512 N N9     . DG  B 2 7  ? 4.886   2.315   6.864   1.00 0.34 ? 17 DG  B N9     1 
ATOM   513 C C8     . DG  B 2 7  ? 3.644   2.312   7.410   1.00 0.34 ? 17 DG  B C8     1 
ATOM   514 N N7     . DG  B 2 7  ? 2.648   2.583   6.633   1.00 0.35 ? 17 DG  B N7     1 
ATOM   515 C C5     . DG  B 2 7  ? 3.291   2.794   5.411   1.00 0.35 ? 17 DG  B C5     1 
ATOM   516 C C6     . DG  B 2 7  ? 2.746   3.130   4.142   1.00 0.38 ? 17 DG  B C6     1 
ATOM   517 O O6     . DG  B 2 7  ? 1.568   3.301   3.837   1.00 0.40 ? 17 DG  B O6     1 
ATOM   518 N N1     . DG  B 2 7  ? 3.737   3.250   3.177   1.00 0.39 ? 17 DG  B N1     1 
ATOM   519 C C2     . DG  B 2 7  ? 5.089   3.071   3.398   1.00 0.38 ? 17 DG  B C2     1 
ATOM   520 N N2     . DG  B 2 7  ? 5.890   3.239   2.346   1.00 0.40 ? 17 DG  B N2     1 
ATOM   521 N N3     . DG  B 2 7  ? 5.609   2.754   4.587   1.00 0.36 ? 17 DG  B N3     1 
ATOM   522 C C4     . DG  B 2 7  ? 4.661   2.632   5.544   1.00 0.35 ? 17 DG  B C4     1 
ATOM   523 H "H5'"  . DG  B 2 7  ? 6.307   -0.238  11.192  1.00 0.42 ? 17 DG  B "H5'"  1 
ATOM   524 H "H5''" . DG  B 2 7  ? 4.918   0.414   10.299  1.00 0.52 ? 17 DG  B "H5''" 1 
ATOM   525 H "H4'"  . DG  B 2 7  ? 7.763   0.117   9.275   1.00 0.40 ? 17 DG  B "H4'"  1 
ATOM   526 H "H3'"  . DG  B 2 7  ? 6.397   2.198   10.694  1.00 0.46 ? 17 DG  B "H3'"  1 
ATOM   527 H "H2'"  . DG  B 2 7  ? 5.484   3.375   9.020   1.00 0.39 ? 17 DG  B "H2'"  1 
ATOM   528 H "H2''" . DG  B 2 7  ? 7.140   3.722   8.447   1.00 0.41 ? 17 DG  B "H2''" 1 
ATOM   529 H "H1'"  . DG  B 2 7  ? 6.982   2.218   6.758   1.00 0.38 ? 17 DG  B "H1'"  1 
ATOM   530 H H8     . DG  B 2 7  ? 3.491   2.090   8.466   1.00 0.34 ? 17 DG  B H8     1 
ATOM   531 H H1     . DG  B 2 7  ? 3.421   3.480   2.247   1.00 0.41 ? 17 DG  B H1     1 
ATOM   532 H H21    . DG  B 2 7  ? 5.497   3.477   1.446   1.00 0.41 ? 17 DG  B H21    1 
ATOM   533 H H22    . DG  B 2 7  ? 6.888   3.129   2.450   1.00 0.40 ? 17 DG  B H22    1 
ATOM   534 P P      . DA  B 2 8  ? 9.525   2.043   8.959   1.00 0.67 ? 18 DA  B P      1 
ATOM   535 O OP1    . DA  B 2 8  ? 9.479   0.605   8.618   1.00 1.86 ? 18 DA  B OP1    1 
ATOM   536 O OP2    . DA  B 2 8  ? 10.785  2.638   9.460   1.00 1.21 ? 18 DA  B OP2    1 
ATOM   537 O "O5'"  . DA  B 2 8  ? 9.054   2.884   7.668   1.00 0.50 ? 18 DA  B "O5'"  1 
ATOM   538 C "C5'"  . DA  B 2 8  ? 9.854   2.885   6.481   1.00 0.52 ? 18 DA  B "C5'"  1 
ATOM   539 C "C4'"  . DA  B 2 8  ? 9.701   4.179   5.686   1.00 0.45 ? 18 DA  B "C4'"  1 
ATOM   540 O "O4'"  . DA  B 2 8  ? 8.427   4.244   5.013   1.00 0.46 ? 18 DA  B "O4'"  1 
ATOM   541 C "C3'"  . DA  B 2 8  ? 9.803   5.402   6.589   1.00 0.44 ? 18 DA  B "C3'"  1 
ATOM   542 O "O3'"  . DA  B 2 8  ? 11.100  6.011   6.474   1.00 0.49 ? 18 DA  B "O3'"  1 
ATOM   543 C "C2'"  . DA  B 2 8  ? 8.696   6.329   6.125   1.00 0.43 ? 18 DA  B "C2'"  1 
ATOM   544 C "C1'"  . DA  B 2 8  ? 7.985   5.615   4.986   1.00 0.42 ? 18 DA  B "C1'"  1 
ATOM   545 N N9     . DA  B 2 8  ? 6.516   5.707   5.117   1.00 0.37 ? 18 DA  B N9     1 
ATOM   546 C C8     . DA  B 2 8  ? 5.728   5.556   6.211   1.00 0.36 ? 18 DA  B C8     1 
ATOM   547 N N7     . DA  B 2 8  ? 4.453   5.677   6.051   1.00 0.35 ? 18 DA  B N7     1 
ATOM   548 C C5     . DA  B 2 8  ? 4.364   5.944   4.681   1.00 0.35 ? 18 DA  B C5     1 
ATOM   549 C C6     . DA  B 2 8  ? 3.277   6.180   3.831   1.00 0.36 ? 18 DA  B C6     1 
ATOM   550 N N6     . DA  B 2 8  ? 2.014   6.178   4.253   1.00 0.37 ? 18 DA  B N6     1 
ATOM   551 N N1     . DA  B 2 8  ? 3.544   6.409   2.532   1.00 0.37 ? 18 DA  B N1     1 
ATOM   552 C C2     . DA  B 2 8  ? 4.805   6.404   2.093   1.00 0.37 ? 18 DA  B C2     1 
ATOM   553 N N3     . DA  B 2 8  ? 5.906   6.191   2.808   1.00 0.38 ? 18 DA  B N3     1 
ATOM   554 C C4     . DA  B 2 8  ? 5.614   5.966   4.105   1.00 0.36 ? 18 DA  B C4     1 
ATOM   555 H "H5'"  . DA  B 2 8  ? 9.558   2.045   5.853   1.00 0.75 ? 18 DA  B "H5'"  1 
ATOM   556 H "H5''" . DA  B 2 8  ? 10.901  2.765   6.761   1.00 0.81 ? 18 DA  B "H5''" 1 
ATOM   557 H "H4'"  . DA  B 2 8  ? 10.494  4.228   4.939   1.00 0.49 ? 18 DA  B "H4'"  1 
ATOM   558 H "H3'"  . DA  B 2 8  ? 9.616   5.107   7.624   1.00 0.45 ? 18 DA  B "H3'"  1 
ATOM   559 H "H2'"  . DA  B 2 8  ? 8.000   6.510   6.945   1.00 0.44 ? 18 DA  B "H2'"  1 
ATOM   560 H "H2''" . DA  B 2 8  ? 9.110   7.271   5.773   1.00 0.46 ? 18 DA  B "H2''" 1 
ATOM   561 H "H1'"  . DA  B 2 8  ? 8.289   6.067   4.041   1.00 0.44 ? 18 DA  B "H1'"  1 
ATOM   562 H H8     . DA  B 2 8  ? 6.155   5.337   7.190   1.00 0.37 ? 18 DA  B H8     1 
ATOM   563 H H61    . DA  B 2 8  ? 1.263   6.355   3.601   1.00 0.39 ? 18 DA  B H61    1 
ATOM   564 H H62    . DA  B 2 8  ? 1.808   5.997   5.225   1.00 0.37 ? 18 DA  B H62    1 
ATOM   565 H H2     . DA  B 2 8  ? 4.948   6.596   1.029   1.00 0.39 ? 18 DA  B H2     1 
ATOM   566 P P      . DT  B 2 9  ? 11.364  7.530   6.951   1.00 0.65 ? 19 DT  B P      1 
ATOM   567 O OP1    . DT  B 2 9  ? 12.825  7.723   7.094   1.00 1.50 ? 19 DT  B OP1    1 
ATOM   568 O OP2    . DT  B 2 9  ? 10.465  7.827   8.090   1.00 1.58 ? 19 DT  B OP2    1 
ATOM   569 O "O5'"  . DT  B 2 9  ? 10.865  8.371   5.673   1.00 0.62 ? 19 DT  B "O5'"  1 
ATOM   570 C "C5'"  . DT  B 2 9  ? 10.269  9.662   5.820   1.00 0.81 ? 19 DT  B "C5'"  1 
ATOM   571 C "C4'"  . DT  B 2 9  ? 9.600   10.111  4.525   1.00 0.67 ? 19 DT  B "C4'"  1 
ATOM   572 O "O4'"  . DT  B 2 9  ? 8.493   9.244   4.188   1.00 0.54 ? 19 DT  B "O4'"  1 
ATOM   573 C "C3'"  . DT  B 2 9  ? 9.061   11.526  4.646   1.00 0.61 ? 19 DT  B "C3'"  1 
ATOM   574 O "O3'"  . DT  B 2 9  ? 9.898   12.468  3.960   1.00 0.71 ? 19 DT  B "O3'"  1 
ATOM   575 C "C2'"  . DT  B 2 9  ? 7.682   11.486  4.036   1.00 0.50 ? 19 DT  B "C2'"  1 
ATOM   576 C "C1'"  . DT  B 2 9  ? 7.388   10.035  3.697   1.00 0.46 ? 19 DT  B "C1'"  1 
ATOM   577 N N1     . DT  B 2 9  ? 6.101   9.610   4.298   1.00 0.41 ? 19 DT  B N1     1 
ATOM   578 C C2     . DT  B 2 9  ? 4.980   9.627   3.483   1.00 0.41 ? 19 DT  B C2     1 
ATOM   579 O O2     . DT  B 2 9  ? 5.031   9.958   2.301   1.00 0.45 ? 19 DT  B O2     1 
ATOM   580 N N3     . DT  B 2 9  ? 3.791   9.250   4.079   1.00 0.40 ? 19 DT  B N3     1 
ATOM   581 C C4     . DT  B 2 9  ? 3.623   8.863   5.395   1.00 0.38 ? 19 DT  B C4     1 
ATOM   582 O O4     . DT  B 2 9  ? 2.511   8.547   5.815   1.00 0.41 ? 19 DT  B O4     1 
ATOM   583 C C5     . DT  B 2 9  ? 4.843   8.873   6.171   1.00 0.36 ? 19 DT  B C5     1 
ATOM   584 C C7     . DT  B 2 9  ? 4.800   8.470   7.643   1.00 0.36 ? 19 DT  B C7     1 
ATOM   585 C C6     . DT  B 2 9  ? 6.020   9.237   5.615   1.00 0.38 ? 19 DT  B C6     1 
ATOM   586 H "H5'"  . DT  B 2 9  ? 11.040  10.382  6.093   1.00 1.43 ? 19 DT  B "H5'"  1 
ATOM   587 H "H5''" . DT  B 2 9  ? 9.520   9.623   6.613   1.00 1.17 ? 19 DT  B "H5''" 1 
ATOM   588 H "H4'"  . DT  B 2 9  ? 10.332  10.077  3.717   1.00 0.80 ? 19 DT  B "H4'"  1 
ATOM   589 H "H3'"  . DT  B 2 9  ? 8.980   11.796  5.701   1.00 0.68 ? 19 DT  B "H3'"  1 
ATOM   590 H "H2'"  . DT  B 2 9  ? 6.953   11.855  4.752   1.00 0.55 ? 19 DT  B "H2'"  1 
ATOM   591 H "H2''" . DT  B 2 9  ? 7.657   12.093  3.131   1.00 0.52 ? 19 DT  B "H2''" 1 
ATOM   592 H "H1'"  . DT  B 2 9  ? 7.329   9.928   2.614   1.00 0.48 ? 19 DT  B "H1'"  1 
ATOM   593 H H3     . DT  B 2 9  ? 2.965   9.261   3.499   1.00 0.43 ? 19 DT  B H3     1 
ATOM   594 H H71    . DT  B 2 9  ? 3.800   8.116   7.893   1.00 1.05 ? 19 DT  B H71    1 
ATOM   595 H H72    . DT  B 2 9  ? 5.047   9.331   8.263   1.00 1.03 ? 19 DT  B H72    1 
ATOM   596 H H73    . DT  B 2 9  ? 5.522   7.673   7.822   1.00 1.09 ? 19 DT  B H73    1 
ATOM   597 H H6     . DT  B 2 9  ? 6.923   9.232   6.225   1.00 0.39 ? 19 DT  B H6     1 
ATOM   598 P P      . DG  B 2 10 ? 9.664   14.056  4.132   1.00 1.01 ? 20 DG  B P      1 
ATOM   599 O OP1    . DG  B 2 10 ? 9.409   14.634  2.793   1.00 1.89 ? 20 DG  B OP1    1 
ATOM   600 O OP2    . DG  B 2 10 ? 10.756  14.598  4.972   1.00 1.65 ? 20 DG  B OP2    1 
ATOM   601 O "O5'"  . DG  B 2 10 ? 8.294   14.119  4.987   1.00 1.13 ? 20 DG  B "O5'"  1 
ATOM   602 C "C5'"  . DG  B 2 10 ? 7.345   15.177  4.810   1.00 0.93 ? 20 DG  B "C5'"  1 
ATOM   603 C "C4'"  . DG  B 2 10 ? 6.701   15.139  3.426   1.00 0.78 ? 20 DG  B "C4'"  1 
ATOM   604 O "O4'"  . DG  B 2 10 ? 6.216   13.811  3.127   1.00 0.69 ? 20 DG  B "O4'"  1 
ATOM   605 C "C3'"  . DG  B 2 10 ? 5.523   16.102  3.350   1.00 0.81 ? 20 DG  B "C3'"  1 
ATOM   606 O "O3'"  . DG  B 2 10 ? 5.827   17.246  2.527   1.00 1.03 ? 20 DG  B "O3'"  1 
ATOM   607 C "C2'"  . DG  B 2 10 ? 4.373   15.293  2.795   1.00 0.78 ? 20 DG  B "C2'"  1 
ATOM   608 C "C1'"  . DG  B 2 10 ? 4.801   13.841  2.850   1.00 0.63 ? 20 DG  B "C1'"  1 
ATOM   609 N N9     . DG  B 2 10 ? 4.046   13.112  3.890   1.00 0.48 ? 20 DG  B N9     1 
ATOM   610 C C8     . DG  B 2 10 ? 4.465   12.623  5.085   1.00 0.45 ? 20 DG  B C8     1 
ATOM   611 N N7     . DG  B 2 10 ? 3.606   11.983  5.805   1.00 0.41 ? 20 DG  B N7     1 
ATOM   612 C C5     . DG  B 2 10 ? 2.463   12.046  5.007   1.00 0.36 ? 20 DG  B C5     1 
ATOM   613 C C6     . DG  B 2 10 ? 1.165   11.523  5.241   1.00 0.38 ? 20 DG  B C6     1 
ATOM   614 O O6     . DG  B 2 10 ? 0.762   10.885  6.211   1.00 0.47 ? 20 DG  B O6     1 
ATOM   615 N N1     . DG  B 2 10 ? 0.305   11.810  4.191   1.00 0.37 ? 20 DG  B N1     1 
ATOM   616 C C2     . DG  B 2 10 ? 0.643   12.512  3.051   1.00 0.39 ? 20 DG  B C2     1 
ATOM   617 N N2     . DG  B 2 10 ? -0.331  12.697  2.160   1.00 0.44 ? 20 DG  B N2     1 
ATOM   618 N N3     . DG  B 2 10 ? 1.864   13.004  2.821   1.00 0.42 ? 20 DG  B N3     1 
ATOM   619 C C4     . DG  B 2 10 ? 2.721   12.738  3.833   1.00 0.40 ? 20 DG  B C4     1 
ATOM   620 H "H5'"  . DG  B 2 10 ? 7.849   16.135  4.943   1.00 1.06 ? 20 DG  B "H5'"  1 
ATOM   621 H "H5''" . DG  B 2 10 ? 6.566   15.079  5.566   1.00 0.92 ? 20 DG  B "H5''" 1 
ATOM   622 H "H4'"  . DG  B 2 10 ? 7.443   15.423  2.680   1.00 0.97 ? 20 DG  B "H4'"  1 
ATOM   623 H "H3'"  . DG  B 2 10 ? 5.268   16.433  4.358   1.00 0.96 ? 20 DG  B "H3'"  1 
ATOM   624 H "H2'"  . DG  B 2 10 ? 3.479   15.442  3.398   1.00 0.91 ? 20 DG  B "H2'"  1 
ATOM   625 H "H2''" . DG  B 2 10 ? 4.176   15.581  1.763   1.00 1.00 ? 20 DG  B "H2''" 1 
ATOM   626 H "H1'"  . DG  B 2 10 ? 4.616   13.374  1.883   1.00 0.79 ? 20 DG  B "H1'"  1 
ATOM   627 H H8     . DG  B 2 10 ? 5.483   12.780  5.432   1.00 0.52 ? 20 DG  B H8     1 
ATOM   628 H H1     . DG  B 2 10 ? -0.636  11.464  4.289   1.00 0.42 ? 20 DG  B H1     1 
ATOM   629 H H21    . DG  B 2 10 ? -1.253  12.328  2.341   1.00 0.46 ? 20 DG  B H21    1 
ATOM   630 H H22    . DG  B 2 10 ? -0.147  13.208  1.309   1.00 0.50 ? 20 DG  B H22    1 
ATOM   631 P P      . DG  B 2 11 ? 5.935   17.141  0.919   1.00 1.20 ? 21 DG  B P      1 
ATOM   632 O OP1    . DG  B 2 11 ? 6.770   15.967  0.582   1.00 2.05 ? 21 DG  B OP1    1 
ATOM   633 O OP2    . DG  B 2 11 ? 6.298   18.478  0.394   1.00 1.58 ? 21 DG  B OP2    1 
ATOM   634 O "O5'"  . DG  B 2 11 ? 4.414   16.821  0.490   1.00 1.61 ? 21 DG  B "O5'"  1 
ATOM   635 C "C5'"  . DG  B 2 11 ? 3.649   17.742  -0.299  1.00 1.58 ? 21 DG  B "C5'"  1 
ATOM   636 C "C4'"  . DG  B 2 11 ? 2.745   18.628  0.559   1.00 1.53 ? 21 DG  B "C4'"  1 
ATOM   637 O "O4'"  . DG  B 2 11 ? 1.962   17.836  1.481   1.00 1.33 ? 21 DG  B "O4'"  1 
ATOM   638 C "C3'"  . DG  B 2 11 ? 3.554   19.627  1.380   1.00 1.67 ? 21 DG  B "C3'"  1 
ATOM   639 O "O3'"  . DG  B 2 11 ? 3.359   20.961  0.897   1.00 1.97 ? 21 DG  B "O3'"  1 
ATOM   640 C "C2'"  . DG  B 2 11 ? 3.058   19.490  2.798   1.00 1.55 ? 21 DG  B "C2'"  1 
ATOM   641 C "C1'"  . DG  B 2 11 ? 1.894   18.511  2.753   1.00 1.36 ? 21 DG  B "C1'"  1 
ATOM   642 N N9     . DG  B 2 11 ? 1.933   17.545  3.879   1.00 1.18 ? 21 DG  B N9     1 
ATOM   643 C C8     . DG  B 2 11 ? 2.912   17.296  4.789   1.00 1.14 ? 21 DG  B C8     1 
ATOM   644 N N7     . DG  B 2 11 ? 2.679   16.404  5.693   1.00 1.06 ? 21 DG  B N7     1 
ATOM   645 C C5     . DG  B 2 11 ? 1.387   15.993  5.362   1.00 1.01 ? 21 DG  B C5     1 
ATOM   646 C C6     . DG  B 2 11 ? 0.555   15.027  5.988   1.00 0.95 ? 21 DG  B C6     1 
ATOM   647 O O6     . DG  B 2 11 ? 0.804   14.321  6.962   1.00 0.97 ? 21 DG  B O6     1 
ATOM   648 N N1     . DG  B 2 11 ? -0.672  14.916  5.346   1.00 0.95 ? 21 DG  B N1     1 
ATOM   649 C C2     . DG  B 2 11 ? -1.058  15.645  4.240   1.00 1.03 ? 21 DG  B C2     1 
ATOM   650 N N2     . DG  B 2 11 ? -2.276  15.389  3.758   1.00 1.08 ? 21 DG  B N2     1 
ATOM   651 N N3     . DG  B 2 11 ? -0.283  16.560  3.646   1.00 1.12 ? 21 DG  B N3     1 
ATOM   652 C C4     . DG  B 2 11 ? 0.920   16.684  4.253   1.00 1.09 ? 21 DG  B C4     1 
ATOM   653 H "H5'"  . DG  B 2 11 ? 3.029   17.176  -0.994  1.00 1.63 ? 21 DG  B "H5'"  1 
ATOM   654 H "H5''" . DG  B 2 11 ? 4.330   18.375  -0.870  1.00 1.69 ? 21 DG  B "H5''" 1 
ATOM   655 H "H4'"  . DG  B 2 11 ? 2.066   19.177  -0.093  1.00 1.70 ? 21 DG  B "H4'"  1 
ATOM   656 H "H3'"  . DG  B 2 11 ? 4.613   19.367  1.337   1.00 1.71 ? 21 DG  B "H3'"  1 
ATOM   657 H "HO3'" . DG  B 2 11 ? 3.627   20.971  -0.027  1.00 2.48 ? 21 DG  B "HO3'" 1 
ATOM   658 H "H2'"  . DG  B 2 11 ? 3.856   19.101  3.425   1.00 1.46 ? 21 DG  B "H2'"  1 
ATOM   659 H "H2''" . DG  B 2 11 ? 2.724   20.456  3.175   1.00 1.76 ? 21 DG  B "H2''" 1 
ATOM   660 H "H1'"  . DG  B 2 11 ? 0.961   19.073  2.802   1.00 1.50 ? 21 DG  B "H1'"  1 
ATOM   661 H H8     . DG  B 2 11 ? 3.858   17.833  4.765   1.00 1.21 ? 21 DG  B H8     1 
ATOM   662 H H1     . DG  B 2 11 ? -1.317  14.246  5.740   1.00 0.93 ? 21 DG  B H1     1 
ATOM   663 H H21    . DG  B 2 11 ? -2.861  14.700  4.206   1.00 1.03 ? 21 DG  B H21    1 
ATOM   664 H H22    . DG  B 2 11 ? -2.612  15.887  2.945   1.00 1.19 ? 21 DG  B H22    1 
HETATM 665 C C8A    . AFN C 3 .  ? -0.001  -1.501  -3.695  1.00 0.47 ? 11 AFN A C8A    1 
HETATM 666 C C9     . AFN C 3 .  ? -1.157  -0.867  -2.882  1.00 0.45 ? 11 AFN A C9     1 
HETATM 667 O O9     . AFN C 3 .  ? -2.316  -0.682  -3.670  1.00 0.48 ? 11 AFN A O9     1 
HETATM 668 C C9A    . AFN C 3 .  ? -0.477  0.506   -2.511  1.00 0.47 ? 11 AFN A C9A    1 
HETATM 669 C C9B    . AFN C 3 .  ? 0.614   0.468   -1.536  1.00 0.46 ? 11 AFN A C9B    1 
HETATM 670 O O7     . AFN C 3 .  ? -0.126  -0.261  -4.425  1.00 0.50 ? 11 AFN A O7     1 
HETATM 671 C C6A    . AFN C 3 .  ? 0.222   0.837   -3.781  1.00 0.51 ? 11 AFN A C6A    1 
HETATM 672 O O6A    . AFN C 3 .  ? 1.601   0.948   -3.492  1.00 0.51 ? 11 AFN A O6A    1 
HETATM 673 C C5A    . AFN C 3 .  ? 1.748   0.727   -2.135  1.00 0.48 ? 11 AFN A C5A    1 
HETATM 674 C C5B    . AFN C 3 .  ? 2.957   0.764   -1.435  1.00 0.47 ? 11 AFN A C5B    1 
HETATM 675 C C4B    . AFN C 3 .  ? 2.918   0.528   -0.051  1.00 0.45 ? 11 AFN A C4B    1 
HETATM 676 O O4     . AFN C 3 .  ? 4.028   0.547   0.711   1.00 0.45 ? 11 AFN A O4     1 
HETATM 677 C CM     . AFN C 3 .  ? 5.286   0.833   0.128   1.00 0.45 ? 11 AFN A CM     1 
HETATM 678 C C4A    . AFN C 3 .  ? 1.667   0.269   0.583   1.00 0.43 ? 11 AFN A C4A    1 
HETATM 679 C C10    . AFN C 3 .  ? 0.518   0.238   -0.182  1.00 0.43 ? 11 AFN A C10    1 
HETATM 680 O O10    . AFN C 3 .  ? -0.706  0.008   0.404   1.00 0.42 ? 11 AFN A O10    1 
HETATM 681 C C11    . AFN C 3 .  ? -0.837  -0.199  1.796   1.00 0.41 ? 11 AFN A C11    1 
HETATM 682 O O11    . AFN C 3 .  ? -1.941  -0.386  2.225   1.00 0.40 ? 11 AFN A O11    1 
HETATM 683 C C12    . AFN C 3 .  ? 0.382   -0.163  2.545   1.00 0.40 ? 11 AFN A C12    1 
HETATM 684 C C3A    . AFN C 3 .  ? 1.562   0.060   1.938   1.00 0.41 ? 11 AFN A C3A    1 
HETATM 685 C C3     . AFN C 3 .  ? 2.706   0.061   2.881   1.00 0.41 ? 11 AFN A C3     1 
HETATM 686 C C2A    . AFN C 3 .  ? 2.046   -0.212  4.244   1.00 0.40 ? 11 AFN A C2A    1 
HETATM 687 C C1     . AFN C 3 .  ? 0.524   -0.346  3.953   1.00 0.40 ? 11 AFN A C1     1 
HETATM 688 O O1     . AFN C 3 .  ? -0.320  -0.563  4.777   1.00 0.39 ? 11 AFN A O1     1 
HETATM 689 H H8A    . AFN C 3 .  ? -0.352  -2.348  -4.285  1.00 0.47 ? 11 AFN A H8A    1 
HETATM 690 H H9     . AFN C 3 .  ? -1.375  -1.453  -1.988  1.00 0.43 ? 11 AFN A H9     1 
HETATM 691 H HO9    . AFN C 3 .  ? -2.051  -0.633  -4.591  1.00 1.08 ? 11 AFN A HO9    1 
HETATM 692 H H9A    . AFN C 3 .  ? -1.218  1.263   -2.257  1.00 0.49 ? 11 AFN A H9A    1 
HETATM 693 H H6A    . AFN C 3 .  ? -0.184  1.735   -4.248  1.00 0.54 ? 11 AFN A H6A    1 
HETATM 694 H H5B    . AFN C 3 .  ? 3.885   0.967   -1.942  1.00 0.49 ? 11 AFN A H5B    1 
HETATM 695 H HM1    . AFN C 3 .  ? 5.950   1.254   0.881   1.00 1.10 ? 11 AFN A HM1    1 
HETATM 696 H HM2    . AFN C 3 .  ? 5.160   1.551   -0.684  1.00 0.80 ? 11 AFN A HM2    1 
HETATM 697 H HM3    . AFN C 3 .  ? 5.720   -0.086  -0.266  1.00 1.00 ? 11 AFN A HM3    1 
HETATM 698 H H31    . AFN C 3 .  ? 3.409   -0.734  2.629   1.00 0.40 ? 11 AFN A H31    1 
HETATM 699 H H32    . AFN C 3 .  ? 3.204   1.028   2.881   1.00 0.44 ? 11 AFN A H32    1 
HETATM 700 H H2A1   . AFN C 3 .  ? 2.431   -1.139  4.668   1.00 0.38 ? 11 AFN A H2A1   1 
HETATM 701 H H2A2   . AFN C 3 .  ? 2.227   0.617   4.925   1.00 0.42 ? 11 AFN A H2A2   1 
# 
